data_2AH9
#
_entry.id   2AH9
#
_cell.length_a   107.501
_cell.length_b   195.362
_cell.length_c   144.023
_cell.angle_alpha   90.00
_cell.angle_beta   90.00
_cell.angle_gamma   90.00
#
_symmetry.space_group_name_H-M   'C 2 2 21'
#
loop_
_entity.id
_entity.type
_entity.pdbx_description
1 polymer 'Beta-1,4-galactosyltransferase 1'
2 branched 2-acetamido-2-deoxy-beta-D-glucopyranose-(1-4)-2-acetamido-2-deoxy-beta-D-glucopyranose-(1-4)-2-acetamido-2-deoxy-beta-D-glucopyranose
3 non-polymer "6-AMINOHEXYL-URIDINE-C1,5'-DIPHOSPHATE"
4 non-polymer 'MANGANESE (II) ION'
5 non-polymer GLYCEROL
6 non-polymer 'SULFATE ION'
7 non-polymer '1,4-DIETHYLENE DIOXIDE'
8 non-polymer '2-(N-MORPHOLINO)-ETHANESULFONIC ACID'
9 water water
#
_entity_poly.entity_id   1
_entity_poly.type   'polypeptide(L)'
_entity_poly.pdbx_seq_one_letter_code
;ASMTGGQQMGRGSASLPACPEESPLLVGPMLIEFNMPVDLELVAKQNPNVKMGGRYAPRDCVSPHKVAIIIPFRNRQEHL
KYWLYYLHPVLQRQQLDYGIYVINQAGDTIFNRAKLLNVGFQEALKDYDYTCFVFSDVDLIPMNDHNAYRCFSQPRHISV
AMDKFGFSLPYVQYFGGVSALSKQQFLTINGFPNNYWGWGGEDDDIFNRLVFRGMSISRPNAVVGTTRHIRHSRDKKNEP
NPQRFDRIAHTKETMLSDGLNSLTYQVLDVQRYPLYTQITVDIGTPS
;
_entity_poly.pdbx_strand_id   A,B,C
#
# COMPACT_ATOMS: atom_id res chain seq x y z
N LEU A 16 40.39 -44.40 -7.95
CA LEU A 16 39.78 -44.18 -9.30
C LEU A 16 40.23 -42.88 -9.95
N PRO A 17 40.61 -42.95 -11.23
CA PRO A 17 41.04 -41.72 -11.89
C PRO A 17 39.80 -40.90 -12.23
N ALA A 18 40.00 -39.66 -12.64
CA ALA A 18 38.88 -38.81 -13.01
C ALA A 18 38.41 -39.29 -14.37
N CYS A 19 37.11 -39.16 -14.63
CA CYS A 19 36.57 -39.55 -15.92
C CYS A 19 37.15 -38.57 -16.93
N PRO A 20 37.16 -38.92 -18.22
CA PRO A 20 37.71 -37.94 -19.16
C PRO A 20 36.74 -36.74 -19.25
N GLU A 21 37.26 -35.59 -19.65
CA GLU A 21 36.49 -34.35 -19.77
C GLU A 21 35.21 -34.52 -20.59
N GLU A 22 35.31 -35.21 -21.72
CA GLU A 22 34.12 -35.48 -22.50
C GLU A 22 34.04 -37.00 -22.51
N SER A 23 32.84 -37.52 -22.32
CA SER A 23 32.67 -38.96 -22.31
C SER A 23 32.93 -39.60 -23.67
N PRO A 24 33.72 -40.70 -23.70
CA PRO A 24 34.01 -41.35 -24.98
C PRO A 24 32.91 -42.35 -25.35
N LEU A 25 31.90 -42.46 -24.49
CA LEU A 25 30.80 -43.40 -24.69
C LEU A 25 29.63 -42.90 -25.54
N LEU A 26 29.60 -41.61 -25.82
CA LEU A 26 28.49 -41.00 -26.56
C LEU A 26 28.35 -41.47 -28.02
N VAL A 27 27.10 -41.62 -28.47
CA VAL A 27 26.82 -42.05 -29.85
C VAL A 27 26.19 -40.95 -30.70
N GLY A 28 25.90 -39.80 -30.11
CA GLY A 28 25.31 -38.71 -30.88
C GLY A 28 23.81 -38.78 -31.11
N PRO A 29 23.35 -38.56 -32.35
CA PRO A 29 21.92 -38.58 -32.72
C PRO A 29 21.26 -39.90 -32.38
N MET A 30 20.05 -39.84 -31.84
CA MET A 30 19.31 -41.03 -31.46
C MET A 30 17.91 -40.97 -32.03
N LEU A 31 17.25 -42.12 -32.11
CA LEU A 31 15.89 -42.19 -32.60
C LEU A 31 14.96 -42.17 -31.38
N ILE A 32 14.04 -41.22 -31.34
CA ILE A 32 13.12 -41.07 -30.22
C ILE A 32 11.68 -41.27 -30.69
N GLU A 33 10.93 -42.10 -29.99
CA GLU A 33 9.53 -42.34 -30.35
C GLU A 33 8.68 -42.52 -29.10
N PHE A 34 7.42 -42.09 -29.16
CA PHE A 34 6.53 -42.21 -28.01
C PHE A 34 5.23 -42.96 -28.34
N ASN A 35 5.29 -43.90 -29.26
CA ASN A 35 4.08 -44.63 -29.63
C ASN A 35 3.93 -46.01 -29.03
N MET A 36 4.90 -46.42 -28.20
CA MET A 36 4.83 -47.73 -27.59
C MET A 36 4.65 -47.71 -26.08
N PRO A 37 4.29 -48.87 -25.49
CA PRO A 37 4.10 -48.95 -24.04
C PRO A 37 5.45 -49.09 -23.36
N VAL A 38 5.53 -48.68 -22.10
CA VAL A 38 6.78 -48.76 -21.37
C VAL A 38 6.54 -49.48 -20.05
N ASP A 39 7.43 -50.41 -19.73
CA ASP A 39 7.32 -51.18 -18.50
C ASP A 39 8.55 -50.85 -17.66
N LEU A 40 8.36 -50.11 -16.58
CA LEU A 40 9.49 -49.72 -15.74
C LEU A 40 10.26 -50.88 -15.14
N GLU A 41 9.61 -52.03 -14.97
CA GLU A 41 10.31 -53.19 -14.44
C GLU A 41 11.35 -53.59 -15.48
N LEU A 42 10.96 -53.53 -16.75
CA LEU A 42 11.87 -53.85 -17.84
C LEU A 42 12.98 -52.80 -17.92
N VAL A 43 12.58 -51.53 -17.88
CA VAL A 43 13.56 -50.45 -17.93
C VAL A 43 14.58 -50.67 -16.83
N ALA A 44 14.13 -51.02 -15.65
CA ALA A 44 15.06 -51.27 -14.54
C ALA A 44 16.00 -52.40 -14.95
N LYS A 45 15.45 -53.42 -15.59
CA LYS A 45 16.26 -54.56 -16.04
C LYS A 45 17.31 -54.14 -17.05
N GLN A 46 16.94 -53.24 -17.97
CA GLN A 46 17.86 -52.73 -18.98
C GLN A 46 18.93 -51.81 -18.39
N ASN A 47 18.64 -51.26 -17.21
CA ASN A 47 19.57 -50.35 -16.53
C ASN A 47 19.99 -50.90 -15.16
N PRO A 48 20.63 -52.08 -15.15
CA PRO A 48 21.09 -52.76 -13.94
C PRO A 48 21.95 -51.94 -13.00
N ASN A 49 22.74 -51.01 -13.53
CA ASN A 49 23.63 -50.23 -12.68
C ASN A 49 22.99 -49.04 -11.99
N VAL A 50 21.71 -48.79 -12.25
CA VAL A 50 21.05 -47.68 -11.61
C VAL A 50 20.54 -48.19 -10.26
N LYS A 51 21.01 -47.60 -9.17
CA LYS A 51 20.61 -48.03 -7.83
C LYS A 51 19.31 -47.45 -7.31
N MET A 52 18.81 -48.05 -6.23
CA MET A 52 17.55 -47.63 -5.65
C MET A 52 17.43 -46.11 -5.53
N GLY A 53 16.30 -45.59 -5.96
CA GLY A 53 16.06 -44.16 -5.91
C GLY A 53 16.53 -43.44 -7.16
N GLY A 54 16.95 -44.20 -8.17
CA GLY A 54 17.43 -43.63 -9.42
C GLY A 54 18.78 -42.95 -9.29
N ARG A 55 19.73 -43.63 -8.63
CA ARG A 55 21.08 -43.11 -8.42
C ARG A 55 22.11 -43.90 -9.19
N TYR A 56 23.10 -43.20 -9.74
CA TYR A 56 24.17 -43.83 -10.53
C TYR A 56 25.44 -43.00 -10.54
N ALA A 57 26.58 -43.68 -10.52
CA ALA A 57 27.89 -43.06 -10.63
C ALA A 57 28.74 -44.08 -11.40
N PRO A 58 29.65 -43.62 -12.28
CA PRO A 58 30.45 -44.61 -12.99
C PRO A 58 31.33 -45.46 -12.06
N ARG A 59 31.56 -46.72 -12.41
CA ARG A 59 32.39 -47.53 -11.52
C ARG A 59 33.87 -47.46 -11.88
N ASP A 60 34.19 -47.00 -13.08
CA ASP A 60 35.57 -46.94 -13.51
C ASP A 60 36.30 -45.63 -13.34
N CYS A 61 35.56 -44.55 -13.11
CA CYS A 61 36.20 -43.25 -12.94
C CYS A 61 35.31 -42.34 -12.09
N VAL A 62 35.91 -41.27 -11.57
CA VAL A 62 35.19 -40.29 -10.74
C VAL A 62 34.69 -39.12 -11.59
N SER A 63 33.38 -38.90 -11.57
CA SER A 63 32.80 -37.81 -12.34
C SER A 63 32.83 -36.50 -11.56
N PRO A 64 33.20 -35.39 -12.23
CA PRO A 64 33.23 -34.10 -11.53
C PRO A 64 31.81 -33.56 -11.48
N HIS A 65 30.90 -34.24 -12.20
CA HIS A 65 29.50 -33.81 -12.26
C HIS A 65 28.58 -34.56 -11.30
N LYS A 66 28.22 -33.91 -10.19
CA LYS A 66 27.33 -34.46 -9.17
C LYS A 66 26.03 -33.72 -9.43
N VAL A 67 25.19 -34.39 -10.21
CA VAL A 67 23.94 -33.83 -10.70
C VAL A 67 22.63 -34.37 -10.15
N ALA A 68 21.79 -33.48 -9.62
CA ALA A 68 20.47 -33.89 -9.18
C ALA A 68 19.57 -33.38 -10.31
N ILE A 69 18.77 -34.28 -10.88
CA ILE A 69 17.85 -33.93 -11.94
C ILE A 69 16.47 -33.80 -11.31
N ILE A 70 15.91 -32.59 -11.41
CA ILE A 70 14.64 -32.23 -10.78
C ILE A 70 13.50 -32.09 -11.77
N ILE A 71 12.45 -32.88 -11.55
CA ILE A 71 11.29 -32.85 -12.44
C ILE A 71 10.03 -32.39 -11.71
N PRO A 72 9.43 -31.27 -12.14
CA PRO A 72 8.20 -30.75 -11.51
C PRO A 72 7.11 -31.70 -11.97
N PHE A 73 6.23 -32.13 -11.08
CA PHE A 73 5.27 -33.15 -11.48
C PHE A 73 3.93 -33.25 -10.75
N ARG A 74 2.94 -33.68 -11.52
CA ARG A 74 1.60 -34.03 -11.03
C ARG A 74 0.82 -34.69 -12.15
N ASN A 75 0.39 -35.92 -11.90
CA ASN A 75 -0.42 -36.67 -12.87
C ASN A 75 0.20 -36.75 -14.28
N ARG A 76 1.48 -37.12 -14.36
CA ARG A 76 2.14 -37.26 -15.65
C ARG A 76 2.95 -38.55 -15.64
N GLN A 77 2.36 -39.60 -15.07
CA GLN A 77 3.05 -40.88 -14.97
C GLN A 77 3.45 -41.45 -16.33
N GLU A 78 2.55 -41.34 -17.30
CA GLU A 78 2.85 -41.86 -18.64
C GLU A 78 4.07 -41.17 -19.24
N HIS A 79 4.09 -39.83 -19.16
CA HIS A 79 5.22 -39.08 -19.68
C HIS A 79 6.48 -39.46 -18.92
N LEU A 80 6.37 -39.61 -17.60
CA LEU A 80 7.51 -39.96 -16.77
C LEU A 80 8.17 -41.26 -17.20
N LYS A 81 7.36 -42.25 -17.59
CA LYS A 81 7.92 -43.53 -18.01
C LYS A 81 8.77 -43.36 -19.26
N TYR A 82 8.29 -42.57 -20.22
CA TYR A 82 9.09 -42.33 -21.43
C TYR A 82 10.37 -41.61 -21.02
N TRP A 83 10.22 -40.62 -20.15
CA TRP A 83 11.39 -39.83 -19.70
C TRP A 83 12.44 -40.78 -19.14
N LEU A 84 12.03 -41.65 -18.21
CA LEU A 84 12.97 -42.59 -17.60
C LEU A 84 13.58 -43.57 -18.61
N TYR A 85 12.74 -44.08 -19.49
CA TYR A 85 13.20 -45.02 -20.52
C TYR A 85 14.33 -44.41 -21.37
N TYR A 86 14.15 -43.16 -21.77
CA TYR A 86 15.16 -42.51 -22.61
C TYR A 86 16.34 -41.87 -21.88
N LEU A 87 16.08 -41.13 -20.81
CA LEU A 87 17.18 -40.46 -20.12
C LEU A 87 18.19 -41.33 -19.37
N HIS A 88 17.73 -42.37 -18.67
CA HIS A 88 18.69 -43.17 -17.90
C HIS A 88 19.87 -43.66 -18.74
N PRO A 89 19.63 -44.26 -19.92
CA PRO A 89 20.78 -44.73 -20.72
C PRO A 89 21.70 -43.54 -21.09
N VAL A 90 21.10 -42.41 -21.43
CA VAL A 90 21.87 -41.22 -21.81
C VAL A 90 22.70 -40.65 -20.67
N LEU A 91 22.09 -40.55 -19.49
CA LEU A 91 22.83 -39.98 -18.36
C LEU A 91 24.02 -40.85 -17.98
N GLN A 92 23.87 -42.18 -18.08
CA GLN A 92 24.98 -43.06 -17.76
C GLN A 92 26.09 -42.94 -18.81
N ARG A 93 25.71 -42.81 -20.08
CA ARG A 93 26.74 -42.66 -21.11
C ARG A 93 27.51 -41.36 -20.91
N GLN A 94 26.84 -40.37 -20.32
CA GLN A 94 27.49 -39.09 -20.04
C GLN A 94 28.40 -39.17 -18.81
N GLN A 95 28.46 -40.35 -18.21
CA GLN A 95 29.33 -40.59 -17.07
C GLN A 95 29.11 -39.61 -15.91
N LEU A 96 27.85 -39.36 -15.59
CA LEU A 96 27.50 -38.45 -14.52
C LEU A 96 27.26 -39.21 -13.22
N ASP A 97 27.49 -38.53 -12.10
CA ASP A 97 27.25 -39.07 -10.76
C ASP A 97 25.90 -38.39 -10.51
N TYR A 98 24.80 -39.07 -10.80
CA TYR A 98 23.50 -38.42 -10.71
C TYR A 98 22.38 -39.08 -9.94
N GLY A 99 21.31 -38.31 -9.74
CA GLY A 99 20.12 -38.78 -9.05
C GLY A 99 18.87 -38.13 -9.64
N ILE A 100 17.80 -38.89 -9.73
CA ILE A 100 16.55 -38.39 -10.29
C ILE A 100 15.54 -38.11 -9.17
N TYR A 101 14.98 -36.90 -9.17
CA TYR A 101 13.97 -36.49 -8.20
C TYR A 101 12.70 -35.99 -8.89
N VAL A 102 11.58 -36.63 -8.59
CA VAL A 102 10.30 -36.24 -9.17
C VAL A 102 9.59 -35.54 -8.01
N ILE A 103 9.29 -34.25 -8.20
CA ILE A 103 8.66 -33.49 -7.13
C ILE A 103 7.18 -33.45 -7.44
N ASN A 104 6.43 -34.32 -6.75
CA ASN A 104 5.01 -34.46 -6.93
C ASN A 104 4.20 -33.48 -6.07
N GLN A 105 3.42 -32.62 -6.71
CA GLN A 105 2.60 -31.65 -5.99
C GLN A 105 1.37 -32.33 -5.41
N ALA A 106 1.27 -32.37 -4.09
CA ALA A 106 0.13 -32.98 -3.41
C ALA A 106 -1.11 -32.14 -3.67
N GLY A 107 -2.29 -32.75 -3.53
CA GLY A 107 -3.54 -32.01 -3.73
C GLY A 107 -3.97 -31.73 -5.16
N ASP A 108 -5.06 -30.97 -5.31
CA ASP A 108 -5.60 -30.64 -6.63
C ASP A 108 -5.81 -29.16 -6.89
N THR A 109 -5.04 -28.31 -6.23
CA THR A 109 -5.20 -26.87 -6.46
C THR A 109 -4.17 -26.41 -7.51
N ILE A 110 -4.28 -25.15 -7.93
CA ILE A 110 -3.40 -24.62 -8.98
C ILE A 110 -1.92 -25.02 -8.86
N PHE A 111 -1.38 -25.48 -9.98
CA PHE A 111 0.00 -25.96 -10.09
C PHE A 111 1.04 -24.84 -9.93
N ASN A 112 2.19 -25.19 -9.36
CA ASN A 112 3.26 -24.21 -9.17
C ASN A 112 4.62 -24.83 -9.55
N ARG A 113 4.90 -24.83 -10.86
CA ARG A 113 6.13 -25.42 -11.38
C ARG A 113 7.40 -24.97 -10.68
N ALA A 114 7.65 -23.66 -10.63
CA ALA A 114 8.88 -23.15 -10.02
C ALA A 114 9.03 -23.43 -8.54
N LYS A 115 7.92 -23.40 -7.79
CA LYS A 115 8.05 -23.65 -6.36
C LYS A 115 8.48 -25.10 -6.13
N LEU A 116 7.97 -26.00 -6.97
CA LEU A 116 8.31 -27.44 -6.85
C LEU A 116 9.81 -27.62 -7.13
N LEU A 117 10.30 -26.88 -8.12
CA LEU A 117 11.71 -26.94 -8.47
C LEU A 117 12.56 -26.49 -7.26
N ASN A 118 12.14 -25.45 -6.52
CA ASN A 118 12.91 -25.04 -5.33
C ASN A 118 12.93 -26.16 -4.28
N VAL A 119 11.78 -26.81 -4.10
CA VAL A 119 11.67 -27.93 -3.14
C VAL A 119 12.71 -29.01 -3.56
N GLY A 120 12.76 -29.30 -4.85
CA GLY A 120 13.68 -30.30 -5.35
C GLY A 120 15.12 -29.98 -5.01
N PHE A 121 15.51 -28.72 -5.21
CA PHE A 121 16.86 -28.29 -4.91
C PHE A 121 17.16 -28.51 -3.43
N GLN A 122 16.25 -28.02 -2.58
CA GLN A 122 16.47 -28.14 -1.13
C GLN A 122 16.47 -29.58 -0.62
N GLU A 123 15.53 -30.38 -1.12
CA GLU A 123 15.46 -31.77 -0.65
C GLU A 123 16.58 -32.66 -1.20
N ALA A 124 16.96 -32.49 -2.46
CA ALA A 124 18.03 -33.33 -3.00
C ALA A 124 19.34 -33.10 -2.24
N LEU A 125 19.59 -31.87 -1.81
CA LEU A 125 20.82 -31.56 -1.08
C LEU A 125 20.90 -32.32 0.25
N LYS A 126 19.76 -32.75 0.76
CA LYS A 126 19.74 -33.52 2.02
C LYS A 126 20.22 -34.96 1.79
N ASP A 127 20.21 -35.40 0.54
CA ASP A 127 20.63 -36.77 0.19
C ASP A 127 22.12 -36.91 -0.10
N TYR A 128 22.67 -35.92 -0.77
CA TYR A 128 24.05 -36.04 -1.22
C TYR A 128 24.58 -34.65 -1.53
N ASP A 129 25.90 -34.54 -1.60
CA ASP A 129 26.54 -33.26 -1.89
C ASP A 129 26.47 -32.91 -3.38
N TYR A 130 25.26 -32.75 -3.92
CA TYR A 130 25.11 -32.38 -5.34
C TYR A 130 25.62 -30.96 -5.52
N THR A 131 26.27 -30.69 -6.66
CA THR A 131 26.78 -29.35 -6.92
C THR A 131 26.26 -28.82 -8.24
N CYS A 132 25.36 -29.59 -8.86
CA CYS A 132 24.74 -29.21 -10.13
C CYS A 132 23.29 -29.66 -10.15
N PHE A 133 22.43 -28.81 -10.68
CA PHE A 133 21.01 -29.10 -10.74
C PHE A 133 20.45 -28.94 -12.14
N VAL A 134 19.86 -30.01 -12.66
CA VAL A 134 19.22 -29.96 -13.98
C VAL A 134 17.72 -29.93 -13.68
N PHE A 135 17.04 -28.92 -14.21
CA PHE A 135 15.61 -28.77 -14.03
C PHE A 135 15.00 -29.12 -15.38
N SER A 136 14.22 -30.20 -15.40
CA SER A 136 13.62 -30.67 -16.63
C SER A 136 12.13 -30.96 -16.56
N ASP A 137 11.37 -30.41 -17.51
CA ASP A 137 9.96 -30.74 -17.56
C ASP A 137 9.96 -32.26 -17.88
N VAL A 138 8.86 -32.92 -17.55
CA VAL A 138 8.73 -34.37 -17.69
C VAL A 138 8.51 -34.92 -19.10
N ASP A 139 8.13 -34.03 -20.01
CA ASP A 139 7.82 -34.43 -21.37
C ASP A 139 8.84 -34.00 -22.42
N LEU A 140 10.07 -33.74 -22.01
CA LEU A 140 11.12 -33.31 -22.95
C LEU A 140 12.23 -34.35 -22.99
N ILE A 141 12.52 -34.83 -24.19
CA ILE A 141 13.53 -35.86 -24.40
C ILE A 141 14.61 -35.39 -25.36
N PRO A 142 15.89 -35.43 -24.93
CA PRO A 142 16.94 -34.98 -25.83
C PRO A 142 17.14 -35.99 -26.95
N MET A 143 17.44 -35.49 -28.15
CA MET A 143 17.66 -36.35 -29.31
C MET A 143 19.12 -36.64 -29.63
N ASN A 144 20.04 -36.03 -28.88
CA ASN A 144 21.46 -36.23 -29.12
C ASN A 144 22.19 -36.28 -27.78
N ASP A 145 22.88 -37.38 -27.48
CA ASP A 145 23.54 -37.49 -26.19
C ASP A 145 24.76 -36.62 -26.00
N HIS A 146 25.08 -35.81 -27.02
CA HIS A 146 26.18 -34.87 -26.88
C HIS A 146 25.64 -33.60 -26.17
N ASN A 147 24.33 -33.53 -25.97
CA ASN A 147 23.70 -32.40 -25.27
C ASN A 147 23.87 -32.73 -23.77
N ALA A 148 24.90 -32.16 -23.16
CA ALA A 148 25.26 -32.45 -21.76
C ALA A 148 24.27 -32.01 -20.68
N TYR A 149 23.85 -32.99 -19.88
CA TYR A 149 22.93 -32.74 -18.76
C TYR A 149 23.72 -32.50 -17.47
N ARG A 150 24.58 -31.49 -17.52
CA ARG A 150 25.36 -31.12 -16.36
C ARG A 150 25.62 -29.63 -16.43
N CYS A 151 26.36 -29.10 -15.47
CA CYS A 151 26.57 -27.66 -15.37
C CYS A 151 27.82 -27.09 -16.03
N PHE A 152 27.75 -25.80 -16.35
CA PHE A 152 28.84 -25.07 -17.00
C PHE A 152 29.22 -23.81 -16.20
N SER A 153 30.16 -23.02 -16.71
CA SER A 153 30.59 -21.83 -15.97
C SER A 153 29.48 -20.79 -15.92
N GLN A 154 28.52 -20.92 -16.81
CA GLN A 154 27.37 -20.03 -16.89
C GLN A 154 26.12 -20.92 -16.92
N PRO A 155 24.96 -20.38 -16.52
CA PRO A 155 23.69 -21.14 -16.53
C PRO A 155 23.53 -21.77 -17.90
N ARG A 156 23.06 -23.01 -17.94
CA ARG A 156 22.94 -23.74 -19.20
C ARG A 156 21.51 -23.99 -19.64
N HIS A 157 21.18 -23.60 -20.87
CA HIS A 157 19.84 -23.85 -21.39
C HIS A 157 20.09 -25.08 -22.28
N ILE A 158 19.37 -26.17 -21.97
CA ILE A 158 19.57 -27.44 -22.65
C ILE A 158 18.57 -27.78 -23.78
N SER A 159 17.29 -27.55 -23.57
CA SER A 159 16.28 -27.86 -24.58
C SER A 159 16.16 -26.67 -25.56
N VAL A 160 17.21 -26.44 -26.34
CA VAL A 160 17.25 -25.30 -27.23
C VAL A 160 16.55 -25.41 -28.59
N ALA A 161 16.37 -26.62 -29.10
CA ALA A 161 15.75 -26.78 -30.42
C ALA A 161 14.66 -27.85 -30.35
N MET A 162 13.53 -27.47 -29.75
CA MET A 162 12.39 -28.35 -29.57
C MET A 162 11.56 -28.45 -30.84
N ASP A 163 11.09 -29.66 -31.14
CA ASP A 163 10.28 -29.85 -32.33
C ASP A 163 9.05 -28.96 -32.30
N LYS A 164 8.40 -28.87 -31.14
CA LYS A 164 7.20 -28.02 -31.06
C LYS A 164 7.47 -26.56 -31.37
N PHE A 165 8.74 -26.12 -31.38
CA PHE A 165 9.03 -24.74 -31.72
C PHE A 165 9.76 -24.70 -33.07
N GLY A 166 9.59 -25.76 -33.84
CA GLY A 166 10.22 -25.82 -35.15
C GLY A 166 11.73 -25.97 -35.10
N PHE A 167 12.20 -26.70 -34.12
CA PHE A 167 13.63 -26.94 -33.96
C PHE A 167 14.50 -25.70 -33.83
N SER A 168 13.99 -24.69 -33.12
CA SER A 168 14.76 -23.47 -32.85
C SER A 168 14.20 -22.86 -31.57
N LEU A 169 14.82 -21.80 -31.08
CA LEU A 169 14.31 -21.15 -29.87
C LEU A 169 13.09 -20.31 -30.27
N PRO A 170 12.06 -20.28 -29.41
CA PRO A 170 10.86 -19.48 -29.72
C PRO A 170 11.22 -17.99 -29.73
N TYR A 171 12.20 -17.62 -28.90
CA TYR A 171 12.75 -16.26 -28.82
C TYR A 171 14.14 -16.42 -28.17
N VAL A 172 15.06 -15.49 -28.44
CA VAL A 172 16.42 -15.68 -27.93
C VAL A 172 16.61 -15.67 -26.44
N GLN A 173 15.68 -15.09 -25.68
CA GLN A 173 15.81 -15.11 -24.21
C GLN A 173 15.01 -16.25 -23.55
N TYR A 174 14.46 -17.15 -24.35
CA TYR A 174 13.69 -18.29 -23.84
C TYR A 174 14.63 -19.22 -23.03
N PHE A 175 14.22 -19.57 -21.81
CA PHE A 175 15.05 -20.40 -20.95
C PHE A 175 14.21 -21.52 -20.33
N GLY A 176 13.08 -21.84 -20.95
CA GLY A 176 12.23 -22.87 -20.37
C GLY A 176 12.55 -24.27 -20.83
N GLY A 177 11.85 -25.25 -20.26
CA GLY A 177 12.03 -26.62 -20.68
C GLY A 177 13.02 -27.41 -19.86
N VAL A 178 14.28 -27.35 -20.28
CA VAL A 178 15.33 -28.05 -19.58
C VAL A 178 16.50 -27.10 -19.43
N SER A 179 17.03 -27.02 -18.20
CA SER A 179 18.17 -26.15 -17.94
C SER A 179 19.02 -26.73 -16.82
N ALA A 180 20.23 -26.20 -16.68
CA ALA A 180 21.14 -26.67 -15.65
C ALA A 180 21.82 -25.49 -14.98
N LEU A 181 21.74 -25.44 -13.65
CA LEU A 181 22.41 -24.40 -12.87
C LEU A 181 23.29 -25.06 -11.81
N SER A 182 24.50 -24.55 -11.64
CA SER A 182 25.37 -25.09 -10.61
C SER A 182 24.74 -24.65 -9.28
N LYS A 183 25.16 -25.26 -8.18
CA LYS A 183 24.64 -24.90 -6.87
C LYS A 183 24.90 -23.41 -6.62
N GLN A 184 26.10 -22.93 -6.98
CA GLN A 184 26.40 -21.52 -6.74
C GLN A 184 25.54 -20.58 -7.60
N GLN A 185 25.31 -20.95 -8.86
CA GLN A 185 24.49 -20.12 -9.72
C GLN A 185 23.08 -20.02 -9.13
N PHE A 186 22.52 -21.17 -8.75
CA PHE A 186 21.17 -21.21 -8.16
C PHE A 186 21.09 -20.35 -6.89
N LEU A 187 22.06 -20.50 -5.98
CA LEU A 187 22.06 -19.73 -4.75
C LEU A 187 22.18 -18.24 -5.03
N THR A 188 23.04 -17.89 -5.99
CA THR A 188 23.26 -16.50 -6.35
C THR A 188 21.98 -15.78 -6.76
N ILE A 189 21.05 -16.47 -7.40
CA ILE A 189 19.81 -15.78 -7.79
C ILE A 189 18.65 -15.99 -6.77
N ASN A 190 18.99 -16.52 -5.60
CA ASN A 190 18.01 -16.78 -4.54
C ASN A 190 17.00 -17.79 -5.10
N GLY A 191 17.51 -18.73 -5.89
CA GLY A 191 16.65 -19.74 -6.48
C GLY A 191 15.60 -19.18 -7.39
N PHE A 192 14.50 -19.92 -7.52
CA PHE A 192 13.43 -19.53 -8.40
C PHE A 192 12.29 -18.84 -7.64
N PRO A 193 11.42 -18.13 -8.34
CA PRO A 193 10.30 -17.44 -7.71
C PRO A 193 9.26 -18.44 -7.18
N ASN A 194 8.60 -18.12 -6.07
CA ASN A 194 7.59 -19.00 -5.49
C ASN A 194 6.16 -18.58 -5.81
N ASN A 195 5.98 -17.40 -6.40
CA ASN A 195 4.62 -16.96 -6.66
C ASN A 195 4.08 -16.95 -8.09
N TYR A 196 4.63 -17.80 -8.95
CA TYR A 196 4.08 -17.90 -10.30
C TYR A 196 3.16 -19.13 -10.26
N TRP A 197 1.87 -18.88 -9.98
CA TRP A 197 0.88 -19.95 -9.91
C TRP A 197 0.23 -20.09 -11.26
N GLY A 198 0.12 -21.33 -11.74
CA GLY A 198 -0.46 -21.52 -13.05
C GLY A 198 0.64 -21.33 -14.10
N TRP A 199 0.29 -21.65 -15.34
CA TRP A 199 1.20 -21.60 -16.48
C TRP A 199 1.80 -20.26 -16.91
N GLY A 200 3.08 -20.31 -17.26
CA GLY A 200 3.74 -19.15 -17.81
C GLY A 200 4.52 -18.12 -17.02
N GLY A 201 5.56 -17.61 -17.67
CA GLY A 201 6.37 -16.55 -17.09
C GLY A 201 7.47 -16.88 -16.10
N GLU A 202 7.32 -17.94 -15.32
CA GLU A 202 8.33 -18.23 -14.32
C GLU A 202 9.70 -18.49 -14.93
N ASP A 203 9.75 -19.05 -16.14
CA ASP A 203 11.05 -19.29 -16.79
C ASP A 203 11.69 -17.99 -17.25
N ASP A 204 10.85 -17.03 -17.64
CA ASP A 204 11.34 -15.71 -18.06
C ASP A 204 11.83 -14.95 -16.83
N ASP A 205 11.17 -15.17 -15.70
CA ASP A 205 11.58 -14.53 -14.46
C ASP A 205 12.95 -15.06 -14.10
N ILE A 206 13.14 -16.37 -14.25
CA ILE A 206 14.44 -16.98 -13.93
C ILE A 206 15.53 -16.41 -14.85
N PHE A 207 15.21 -16.25 -16.13
CA PHE A 207 16.17 -15.67 -17.08
C PHE A 207 16.56 -14.27 -16.55
N ASN A 208 15.55 -13.47 -16.18
CA ASN A 208 15.81 -12.15 -15.63
C ASN A 208 16.75 -12.19 -14.44
N ARG A 209 16.50 -13.14 -13.53
CA ARG A 209 17.32 -13.27 -12.34
C ARG A 209 18.78 -13.48 -12.71
N LEU A 210 19.03 -14.39 -13.64
CA LEU A 210 20.40 -14.66 -14.06
C LEU A 210 21.07 -13.40 -14.64
N VAL A 211 20.38 -12.70 -15.52
CA VAL A 211 20.93 -11.47 -16.11
C VAL A 211 21.19 -10.42 -15.04
N PHE A 212 20.26 -10.26 -14.09
CA PHE A 212 20.42 -9.27 -13.03
C PHE A 212 21.56 -9.64 -12.08
N ARG A 213 22.05 -10.88 -12.17
CA ARG A 213 23.20 -11.26 -11.35
C ARG A 213 24.48 -11.42 -12.18
N GLY A 214 24.54 -10.74 -13.33
CA GLY A 214 25.73 -10.77 -14.16
C GLY A 214 26.04 -12.01 -15.00
N MET A 215 25.07 -12.90 -15.16
CA MET A 215 25.32 -14.12 -15.92
C MET A 215 24.74 -14.08 -17.32
N SER A 216 25.16 -15.03 -18.16
CA SER A 216 24.70 -15.14 -19.55
C SER A 216 24.29 -16.58 -19.80
N ILE A 217 23.47 -16.82 -20.80
CA ILE A 217 23.02 -18.17 -21.04
C ILE A 217 23.97 -18.91 -21.99
N SER A 218 24.41 -20.09 -21.57
CA SER A 218 25.28 -20.95 -22.37
C SER A 218 24.36 -22.00 -23.02
N ARG A 219 24.64 -22.34 -24.28
CA ARG A 219 23.82 -23.31 -24.99
C ARG A 219 24.59 -24.18 -25.99
N PRO A 220 24.13 -25.40 -26.22
CA PRO A 220 24.83 -26.27 -27.20
C PRO A 220 24.27 -25.75 -28.53
N ASN A 221 24.84 -26.16 -29.67
CA ASN A 221 24.31 -25.69 -30.96
C ASN A 221 22.94 -26.31 -31.20
N ALA A 222 22.22 -25.76 -32.17
CA ALA A 222 20.87 -26.21 -32.49
C ALA A 222 20.72 -27.68 -32.85
N VAL A 223 21.72 -28.26 -33.49
CA VAL A 223 21.61 -29.66 -33.87
C VAL A 223 21.77 -30.54 -32.64
N VAL A 224 22.85 -30.34 -31.89
CA VAL A 224 23.06 -31.14 -30.69
C VAL A 224 21.91 -30.92 -29.70
N GLY A 225 21.35 -29.71 -29.71
CA GLY A 225 20.28 -29.40 -28.77
C GLY A 225 18.87 -29.79 -29.17
N THR A 226 18.74 -30.51 -30.27
CA THR A 226 17.43 -30.95 -30.74
C THR A 226 16.75 -31.75 -29.64
N THR A 227 15.48 -31.43 -29.42
CA THR A 227 14.70 -32.03 -28.36
C THR A 227 13.27 -32.33 -28.78
N ARG A 228 12.73 -33.45 -28.32
CA ARG A 228 11.36 -33.80 -28.64
C ARG A 228 10.42 -33.55 -27.47
N HIS A 229 9.28 -32.94 -27.75
CA HIS A 229 8.28 -32.70 -26.73
C HIS A 229 7.13 -33.69 -26.97
N ILE A 230 6.70 -34.39 -25.93
CA ILE A 230 5.60 -35.35 -26.07
C ILE A 230 4.31 -34.53 -26.20
N ARG A 231 3.73 -34.44 -27.40
CA ARG A 231 2.53 -33.63 -27.52
C ARG A 231 1.45 -34.10 -26.55
N HIS A 232 0.81 -33.15 -25.87
CA HIS A 232 -0.20 -33.47 -24.88
C HIS A 232 -1.27 -32.39 -24.81
N SER A 233 -2.32 -32.66 -24.04
CA SER A 233 -3.43 -31.71 -23.87
C SER A 233 -3.12 -30.83 -22.67
N ARG A 234 -3.90 -29.77 -22.51
CA ARG A 234 -3.72 -28.88 -21.38
C ARG A 234 -4.14 -29.61 -20.12
N ASP A 235 -3.34 -29.51 -19.06
CA ASP A 235 -3.72 -30.15 -17.81
C ASP A 235 -4.68 -29.21 -17.13
N LYS A 236 -5.52 -29.75 -16.27
CA LYS A 236 -6.47 -28.92 -15.53
C LYS A 236 -5.66 -28.38 -14.34
N LYS A 237 -6.02 -27.20 -13.85
CA LYS A 237 -5.35 -26.59 -12.70
C LYS A 237 -3.98 -25.95 -12.94
N ASN A 238 -3.71 -25.56 -14.19
CA ASN A 238 -2.46 -24.88 -14.51
C ASN A 238 -2.77 -23.90 -15.63
N GLU A 239 -3.88 -23.17 -15.44
CA GLU A 239 -4.32 -22.19 -16.42
C GLU A 239 -3.32 -21.04 -16.48
N PRO A 240 -3.16 -20.44 -17.67
CA PRO A 240 -2.23 -19.33 -17.82
C PRO A 240 -2.46 -18.29 -16.74
N ASN A 241 -1.35 -17.91 -16.10
CA ASN A 241 -1.38 -16.92 -15.03
C ASN A 241 -1.48 -15.51 -15.65
N PRO A 242 -2.60 -14.81 -15.41
CA PRO A 242 -2.82 -13.46 -15.95
C PRO A 242 -1.86 -12.42 -15.38
N GLN A 243 -1.33 -12.65 -14.19
CA GLN A 243 -0.40 -11.70 -13.59
C GLN A 243 1.04 -11.91 -14.04
N ARG A 244 1.28 -12.87 -14.93
CA ARG A 244 2.66 -13.16 -15.34
C ARG A 244 3.43 -12.04 -16.03
N PHE A 245 2.80 -11.33 -16.96
CA PHE A 245 3.50 -10.26 -17.66
C PHE A 245 3.90 -9.18 -16.68
N ASP A 246 3.05 -8.98 -15.69
CA ASP A 246 3.28 -8.01 -14.65
C ASP A 246 4.42 -8.45 -13.74
N ARG A 247 4.41 -9.73 -13.35
CA ARG A 247 5.46 -10.21 -12.48
C ARG A 247 6.85 -10.23 -13.09
N ILE A 248 6.97 -10.55 -14.37
CA ILE A 248 8.33 -10.60 -14.95
C ILE A 248 8.94 -9.22 -15.12
N ALA A 249 8.12 -8.18 -15.04
CA ALA A 249 8.64 -6.83 -15.20
C ALA A 249 9.25 -6.31 -13.89
N HIS A 250 9.03 -7.02 -12.78
CA HIS A 250 9.58 -6.55 -11.51
C HIS A 250 10.55 -7.52 -10.85
N THR A 251 11.03 -8.48 -11.60
CA THR A 251 11.96 -9.48 -11.07
C THR A 251 13.12 -8.91 -10.28
N LYS A 252 13.78 -7.89 -10.83
CA LYS A 252 14.93 -7.33 -10.16
C LYS A 252 14.65 -7.02 -8.69
N GLU A 253 13.48 -6.44 -8.43
CA GLU A 253 13.15 -6.11 -7.05
C GLU A 253 12.62 -7.32 -6.29
N THR A 254 11.73 -8.09 -6.89
CA THR A 254 11.15 -9.22 -6.16
C THR A 254 12.05 -10.41 -5.88
N MET A 255 13.10 -10.59 -6.69
CA MET A 255 14.00 -11.71 -6.47
C MET A 255 14.77 -11.59 -5.15
N LEU A 256 14.91 -10.36 -4.65
CA LEU A 256 15.60 -10.14 -3.38
C LEU A 256 14.90 -10.80 -2.18
N SER A 257 13.58 -10.85 -2.23
CA SER A 257 12.80 -11.39 -1.12
C SER A 257 11.89 -12.57 -1.44
N ASP A 258 11.86 -13.01 -2.68
CA ASP A 258 11.03 -14.13 -3.07
C ASP A 258 11.84 -15.24 -3.73
N GLY A 259 11.98 -16.36 -3.05
CA GLY A 259 12.75 -17.49 -3.58
C GLY A 259 13.13 -18.43 -2.46
N LEU A 260 14.38 -18.88 -2.46
CA LEU A 260 14.86 -19.77 -1.41
C LEU A 260 14.71 -19.12 -0.04
N ASN A 261 14.97 -17.82 0.04
CA ASN A 261 14.89 -17.16 1.33
C ASN A 261 13.47 -16.86 1.83
N SER A 262 12.44 -17.32 1.12
CA SER A 262 11.04 -17.11 1.51
C SER A 262 10.24 -18.40 1.32
N LEU A 263 10.97 -19.50 1.17
CA LEU A 263 10.35 -20.80 0.91
C LEU A 263 9.99 -21.65 2.12
N THR A 264 8.80 -22.25 2.11
CA THR A 264 8.38 -23.21 3.13
C THR A 264 7.51 -24.20 2.39
N TYR A 265 7.42 -25.42 2.91
CA TYR A 265 6.62 -26.47 2.32
C TYR A 265 6.61 -27.64 3.30
N GLN A 266 5.77 -28.63 3.04
CA GLN A 266 5.72 -29.79 3.92
C GLN A 266 5.77 -31.06 3.09
N VAL A 267 6.84 -31.83 3.25
CA VAL A 267 6.97 -33.08 2.52
C VAL A 267 6.00 -34.06 3.16
N LEU A 268 5.12 -34.64 2.35
CA LEU A 268 4.15 -35.61 2.86
C LEU A 268 4.65 -37.02 2.70
N ASP A 269 5.48 -37.26 1.68
CA ASP A 269 5.98 -38.60 1.45
C ASP A 269 7.24 -38.65 0.56
N VAL A 270 8.13 -39.61 0.83
CA VAL A 270 9.34 -39.80 0.03
C VAL A 270 9.41 -41.29 -0.32
N GLN A 271 9.33 -41.60 -1.62
CA GLN A 271 9.37 -42.99 -2.09
C GLN A 271 10.59 -43.24 -2.95
N ARG A 272 11.37 -44.25 -2.60
CA ARG A 272 12.55 -44.60 -3.36
C ARG A 272 12.22 -45.71 -4.34
N TYR A 273 11.88 -45.35 -5.57
CA TYR A 273 11.59 -46.33 -6.58
C TYR A 273 12.92 -46.73 -7.22
N PRO A 274 12.93 -47.84 -7.96
CA PRO A 274 14.18 -48.27 -8.60
C PRO A 274 14.82 -47.20 -9.50
N LEU A 275 14.00 -46.50 -10.27
CA LEU A 275 14.52 -45.50 -11.22
C LEU A 275 14.43 -44.01 -10.84
N TYR A 276 13.86 -43.72 -9.67
CA TYR A 276 13.73 -42.33 -9.22
C TYR A 276 13.22 -42.26 -7.80
N THR A 277 13.39 -41.08 -7.23
CA THR A 277 12.92 -40.79 -5.88
C THR A 277 11.76 -39.83 -6.09
N GLN A 278 10.61 -40.14 -5.50
CA GLN A 278 9.47 -39.25 -5.64
C GLN A 278 9.17 -38.57 -4.31
N ILE A 279 9.22 -37.24 -4.32
CA ILE A 279 8.96 -36.47 -3.13
C ILE A 279 7.59 -35.83 -3.32
N THR A 280 6.62 -36.29 -2.55
CA THR A 280 5.26 -35.75 -2.63
C THR A 280 5.22 -34.64 -1.60
N VAL A 281 4.87 -33.45 -2.05
CA VAL A 281 4.93 -32.28 -1.19
C VAL A 281 3.73 -31.35 -1.27
N ASP A 282 3.42 -30.74 -0.13
CA ASP A 282 2.31 -29.80 -0.06
C ASP A 282 2.96 -28.43 -0.12
N ILE A 283 2.77 -27.73 -1.24
CA ILE A 283 3.36 -26.40 -1.40
C ILE A 283 2.32 -25.29 -1.23
N GLY A 284 1.16 -25.68 -0.71
CA GLY A 284 0.10 -24.71 -0.45
C GLY A 284 -0.61 -24.07 -1.62
N THR A 285 -1.18 -22.90 -1.34
CA THR A 285 -1.93 -22.13 -2.30
C THR A 285 -1.47 -20.66 -2.16
N PRO A 286 -1.84 -19.79 -3.12
CA PRO A 286 -1.42 -18.38 -3.08
C PRO A 286 -1.65 -17.65 -1.76
N SER A 287 -0.67 -16.84 -1.37
CA SER A 287 -0.76 -16.06 -0.15
C SER A 287 -0.72 -14.59 -0.50
N LEU B 16 28.46 15.23 24.85
CA LEU B 16 27.15 15.45 24.15
C LEU B 16 26.04 15.52 25.20
N PRO B 17 25.24 16.60 25.18
CA PRO B 17 24.17 16.72 26.18
C PRO B 17 22.96 15.83 25.88
N ALA B 18 22.09 15.67 26.87
CA ALA B 18 20.88 14.90 26.68
C ALA B 18 19.95 15.75 25.82
N CYS B 19 19.17 15.14 24.94
CA CYS B 19 18.25 15.91 24.11
C CYS B 19 17.22 16.48 25.06
N PRO B 20 16.51 17.54 24.65
CA PRO B 20 15.51 18.08 25.58
C PRO B 20 14.43 17.02 25.77
N GLU B 21 13.68 17.11 26.87
CA GLU B 21 12.64 16.13 27.19
C GLU B 21 11.64 15.91 26.08
N GLU B 22 11.16 17.00 25.48
CA GLU B 22 10.26 16.89 24.35
C GLU B 22 11.04 17.52 23.22
N SER B 23 10.95 16.96 22.03
CA SER B 23 11.67 17.53 20.92
C SER B 23 11.14 18.88 20.53
N PRO B 24 12.05 19.83 20.27
CA PRO B 24 11.66 21.18 19.88
C PRO B 24 11.43 21.23 18.36
N LEU B 25 11.74 20.12 17.68
CA LEU B 25 11.61 20.06 16.23
C LEU B 25 10.23 19.73 15.65
N LEU B 26 9.29 19.33 16.50
CA LEU B 26 7.96 18.90 16.07
C LEU B 26 7.08 19.94 15.38
N VAL B 27 6.32 19.52 14.37
CA VAL B 27 5.43 20.44 13.66
C VAL B 27 3.95 20.20 13.93
N GLY B 28 3.61 19.11 14.61
CA GLY B 28 2.20 18.83 14.88
C GLY B 28 1.51 18.13 13.73
N PRO B 29 0.29 18.58 13.35
CA PRO B 29 -0.55 18.03 12.27
C PRO B 29 0.17 18.03 10.92
N MET B 30 0.08 16.94 10.19
CA MET B 30 0.75 16.83 8.89
C MET B 30 -0.24 16.37 7.84
N LEU B 31 0.13 16.55 6.57
CA LEU B 31 -0.72 16.13 5.46
C LEU B 31 -0.30 14.72 5.03
N ILE B 32 -1.22 13.76 5.09
CA ILE B 32 -0.93 12.38 4.76
C ILE B 32 -1.69 11.91 3.52
N GLU B 33 -0.99 11.41 2.50
CA GLU B 33 -1.63 10.95 1.27
C GLU B 33 -1.03 9.66 0.70
N PHE B 34 -1.88 8.82 0.15
CA PHE B 34 -1.43 7.54 -0.42
C PHE B 34 -1.82 7.40 -1.89
N ASN B 35 -1.78 8.50 -2.64
CA ASN B 35 -2.19 8.41 -4.04
C ASN B 35 -1.05 8.64 -5.02
N MET B 36 0.19 8.61 -4.54
CA MET B 36 1.33 8.81 -5.42
C MET B 36 2.35 7.70 -5.29
N PRO B 37 3.20 7.55 -6.31
CA PRO B 37 4.21 6.50 -6.22
C PRO B 37 5.32 6.92 -5.26
N VAL B 38 5.98 5.94 -4.67
CA VAL B 38 7.06 6.21 -3.74
C VAL B 38 8.26 5.46 -4.26
N ASP B 39 9.40 6.11 -4.23
CA ASP B 39 10.66 5.55 -4.70
C ASP B 39 11.60 5.59 -3.48
N LEU B 40 11.92 4.42 -2.93
CA LEU B 40 12.79 4.35 -1.76
C LEU B 40 14.19 4.91 -1.95
N GLU B 41 14.67 4.97 -3.19
CA GLU B 41 15.99 5.55 -3.44
C GLU B 41 15.88 7.04 -3.16
N LEU B 42 14.75 7.63 -3.54
CA LEU B 42 14.50 9.05 -3.29
C LEU B 42 14.27 9.29 -1.80
N VAL B 43 13.52 8.39 -1.17
CA VAL B 43 13.26 8.54 0.26
C VAL B 43 14.58 8.55 1.02
N ALA B 44 15.49 7.64 0.65
CA ALA B 44 16.79 7.60 1.32
C ALA B 44 17.52 8.93 1.08
N LYS B 45 17.43 9.46 -0.13
CA LYS B 45 18.11 10.72 -0.41
C LYS B 45 17.52 11.86 0.39
N GLN B 46 16.25 11.77 0.73
CA GLN B 46 15.60 12.83 1.50
C GLN B 46 15.84 12.62 3.01
N ASN B 47 16.43 11.48 3.36
CA ASN B 47 16.74 11.14 4.75
C ASN B 47 18.20 10.68 4.82
N PRO B 48 19.12 11.60 4.47
CA PRO B 48 20.57 11.35 4.45
C PRO B 48 21.17 10.82 5.75
N ASN B 49 20.60 11.22 6.89
CA ASN B 49 21.16 10.80 8.17
C ASN B 49 20.76 9.41 8.66
N VAL B 50 19.85 8.76 7.94
CA VAL B 50 19.45 7.41 8.31
C VAL B 50 20.51 6.47 7.75
N LYS B 51 21.10 5.66 8.63
CA LYS B 51 22.15 4.73 8.24
C LYS B 51 21.65 3.36 7.80
N MET B 52 22.56 2.58 7.23
CA MET B 52 22.22 1.25 6.71
C MET B 52 21.44 0.44 7.72
N GLY B 53 20.38 -0.21 7.25
CA GLY B 53 19.56 -1.02 8.13
C GLY B 53 18.45 -0.18 8.75
N GLY B 54 18.37 1.09 8.35
CA GLY B 54 17.35 1.98 8.88
C GLY B 54 17.57 2.41 10.33
N ARG B 55 18.82 2.76 10.66
CA ARG B 55 19.20 3.17 12.01
C ARG B 55 19.48 4.66 12.06
N TYR B 56 19.11 5.28 13.17
CA TYR B 56 19.34 6.72 13.34
C TYR B 56 19.40 7.13 14.80
N ALA B 57 20.22 8.13 15.11
CA ALA B 57 20.29 8.69 16.44
C ALA B 57 20.73 10.14 16.20
N PRO B 58 20.21 11.08 17.01
CA PRO B 58 20.62 12.47 16.79
C PRO B 58 22.12 12.73 16.93
N ARG B 59 22.59 13.64 16.09
CA ARG B 59 23.99 14.01 16.07
C ARG B 59 24.34 15.05 17.15
N ASP B 60 23.35 15.84 17.57
CA ASP B 60 23.60 16.92 18.54
C ASP B 60 23.25 16.68 20.00
N CYS B 61 22.61 15.56 20.33
CA CYS B 61 22.24 15.29 21.72
C CYS B 61 21.95 13.81 21.87
N VAL B 62 21.97 13.33 23.10
CA VAL B 62 21.74 11.93 23.38
C VAL B 62 20.29 11.65 23.75
N SER B 63 19.70 10.69 23.03
CA SER B 63 18.32 10.32 23.29
C SER B 63 18.18 9.22 24.33
N PRO B 64 17.26 9.38 25.28
CA PRO B 64 17.05 8.35 26.30
C PRO B 64 16.15 7.25 25.70
N HIS B 65 15.59 7.52 24.52
CA HIS B 65 14.72 6.54 23.87
C HIS B 65 15.47 5.67 22.87
N LYS B 66 15.71 4.42 23.25
CA LYS B 66 16.39 3.45 22.38
C LYS B 66 15.29 2.51 21.93
N VAL B 67 14.78 2.83 20.74
CA VAL B 67 13.62 2.17 20.18
C VAL B 67 13.76 1.27 18.97
N ALA B 68 13.28 0.04 19.07
CA ALA B 68 13.25 -0.84 17.89
C ALA B 68 11.79 -0.78 17.40
N ILE B 69 11.57 -0.42 16.14
CA ILE B 69 10.22 -0.38 15.58
C ILE B 69 10.07 -1.67 14.76
N ILE B 70 9.11 -2.50 15.19
CA ILE B 70 8.85 -3.82 14.64
C ILE B 70 7.57 -3.88 13.82
N ILE B 71 7.69 -4.32 12.56
CA ILE B 71 6.56 -4.39 11.65
C ILE B 71 6.30 -5.82 11.19
N PRO B 72 5.11 -6.37 11.48
CA PRO B 72 4.81 -7.75 11.04
C PRO B 72 4.54 -7.63 9.55
N PHE B 73 5.06 -8.57 8.75
CA PHE B 73 4.96 -8.39 7.31
C PHE B 73 4.97 -9.61 6.39
N ARG B 74 4.21 -9.49 5.29
CA ARG B 74 4.21 -10.45 4.19
C ARG B 74 3.48 -9.85 3.02
N ASN B 75 4.17 -9.75 1.88
CA ASN B 75 3.55 -9.24 0.67
C ASN B 75 2.87 -7.87 0.80
N ARG B 76 3.51 -6.93 1.48
CA ARG B 76 2.94 -5.59 1.66
C ARG B 76 3.99 -4.53 1.27
N GLN B 77 4.78 -4.80 0.24
CA GLN B 77 5.82 -3.87 -0.14
C GLN B 77 5.34 -2.44 -0.43
N GLU B 78 4.23 -2.30 -1.16
CA GLU B 78 3.73 -0.95 -1.47
C GLU B 78 3.36 -0.18 -0.21
N HIS B 79 2.77 -0.86 0.77
CA HIS B 79 2.42 -0.19 2.03
C HIS B 79 3.69 0.20 2.78
N LEU B 80 4.66 -0.70 2.82
CA LEU B 80 5.91 -0.41 3.51
C LEU B 80 6.58 0.85 2.94
N LYS B 81 6.49 1.05 1.63
CA LYS B 81 7.12 2.24 1.04
C LYS B 81 6.47 3.51 1.57
N TYR B 82 5.13 3.51 1.67
CA TYR B 82 4.46 4.68 2.24
C TYR B 82 4.87 4.82 3.70
N TRP B 83 4.93 3.68 4.40
CA TRP B 83 5.30 3.72 5.82
C TRP B 83 6.69 4.36 6.02
N LEU B 84 7.67 3.90 5.26
CA LEU B 84 9.02 4.43 5.37
C LEU B 84 9.07 5.91 5.02
N TYR B 85 8.38 6.28 3.93
CA TYR B 85 8.32 7.66 3.46
C TYR B 85 7.80 8.62 4.53
N TYR B 86 6.75 8.22 5.23
CA TYR B 86 6.18 9.06 6.27
C TYR B 86 6.85 8.99 7.63
N LEU B 87 7.12 7.78 8.12
CA LEU B 87 7.71 7.64 9.44
C LEU B 87 9.16 8.08 9.62
N HIS B 88 10.04 7.84 8.65
CA HIS B 88 11.42 8.23 8.90
C HIS B 88 11.59 9.73 9.29
N PRO B 89 10.94 10.65 8.56
CA PRO B 89 11.10 12.07 8.95
C PRO B 89 10.56 12.34 10.34
N VAL B 90 9.44 11.70 10.67
CA VAL B 90 8.80 11.86 11.96
C VAL B 90 9.67 11.34 13.10
N LEU B 91 10.18 10.13 12.95
CA LEU B 91 11.00 9.54 14.01
C LEU B 91 12.25 10.35 14.25
N GLN B 92 12.82 10.93 13.19
CA GLN B 92 14.01 11.76 13.38
C GLN B 92 13.62 13.06 14.09
N ARG B 93 12.47 13.64 13.75
CA ARG B 93 12.06 14.88 14.43
C ARG B 93 11.79 14.64 15.92
N GLN B 94 11.41 13.41 16.27
CA GLN B 94 11.15 13.06 17.67
C GLN B 94 12.46 12.77 18.43
N GLN B 95 13.59 12.91 17.74
CA GLN B 95 14.92 12.71 18.34
C GLN B 95 15.14 11.36 19.02
N LEU B 96 14.72 10.30 18.35
CA LEU B 96 14.85 8.95 18.87
C LEU B 96 16.13 8.27 18.35
N ASP B 97 16.64 7.32 19.12
CA ASP B 97 17.80 6.51 18.74
C ASP B 97 17.03 5.25 18.34
N TYR B 98 16.77 5.09 17.05
CA TYR B 98 15.92 3.99 16.60
C TYR B 98 16.42 3.14 15.45
N GLY B 99 15.75 2.01 15.27
CA GLY B 99 16.03 1.08 14.19
C GLY B 99 14.71 0.48 13.68
N ILE B 100 14.61 0.28 12.36
CA ILE B 100 13.41 -0.28 11.75
C ILE B 100 13.61 -1.75 11.39
N TYR B 101 12.66 -2.60 11.83
CA TYR B 101 12.72 -4.03 11.58
C TYR B 101 11.42 -4.57 10.96
N VAL B 102 11.56 -5.11 9.76
CA VAL B 102 10.43 -5.70 9.05
C VAL B 102 10.61 -7.20 9.21
N ILE B 103 9.64 -7.84 9.88
CA ILE B 103 9.65 -9.28 10.12
C ILE B 103 8.74 -9.88 9.08
N ASN B 104 9.37 -10.40 8.03
CA ASN B 104 8.72 -11.00 6.88
C ASN B 104 8.44 -12.50 7.10
N GLN B 105 7.16 -12.86 7.03
CA GLN B 105 6.81 -14.26 7.22
C GLN B 105 7.10 -15.06 5.95
N ALA B 106 8.01 -16.03 6.05
CA ALA B 106 8.36 -16.87 4.91
C ALA B 106 7.21 -17.84 4.59
N GLY B 107 7.13 -18.28 3.34
CA GLY B 107 6.10 -19.24 2.97
C GLY B 107 4.72 -18.73 2.63
N ASP B 108 3.82 -19.67 2.39
CA ASP B 108 2.46 -19.34 1.98
C ASP B 108 1.33 -19.89 2.86
N THR B 109 1.64 -20.22 4.11
CA THR B 109 0.59 -20.72 4.98
C THR B 109 0.01 -19.57 5.85
N ILE B 110 -1.00 -19.87 6.67
CA ILE B 110 -1.67 -18.84 7.46
C ILE B 110 -0.74 -17.90 8.26
N PHE B 111 -1.05 -16.60 8.15
CA PHE B 111 -0.30 -15.52 8.79
C PHE B 111 -0.44 -15.56 10.33
N ASN B 112 0.62 -15.17 11.02
CA ASN B 112 0.62 -15.14 12.46
C ASN B 112 1.29 -13.85 12.93
N ARG B 113 0.50 -12.78 12.96
CA ARG B 113 0.97 -11.45 13.36
C ARG B 113 1.78 -11.37 14.67
N ALA B 114 1.18 -11.83 15.77
CA ALA B 114 1.86 -11.74 17.07
C ALA B 114 3.19 -12.51 17.17
N LYS B 115 3.26 -13.69 16.54
CA LYS B 115 4.50 -14.48 16.59
C LYS B 115 5.60 -13.69 15.85
N LEU B 116 5.24 -13.02 14.75
CA LEU B 116 6.24 -12.24 14.03
C LEU B 116 6.72 -11.09 14.92
N LEU B 117 5.83 -10.51 15.73
CA LEU B 117 6.27 -9.43 16.61
C LEU B 117 7.25 -9.97 17.68
N ASN B 118 7.00 -11.17 18.21
CA ASN B 118 7.93 -11.77 19.19
C ASN B 118 9.31 -11.96 18.55
N VAL B 119 9.31 -12.46 17.32
CA VAL B 119 10.57 -12.65 16.59
C VAL B 119 11.31 -11.30 16.53
N GLY B 120 10.59 -10.24 16.16
CA GLY B 120 11.22 -8.93 16.07
C GLY B 120 11.85 -8.48 17.38
N PHE B 121 11.15 -8.73 18.48
CA PHE B 121 11.69 -8.35 19.79
C PHE B 121 13.03 -9.07 20.02
N GLN B 122 12.99 -10.40 19.91
CA GLN B 122 14.18 -11.20 20.18
C GLN B 122 15.33 -10.93 19.20
N GLU B 123 15.02 -10.76 17.93
CA GLU B 123 16.07 -10.51 16.95
C GLU B 123 16.66 -9.10 17.02
N ALA B 124 15.83 -8.08 17.27
CA ALA B 124 16.32 -6.70 17.34
C ALA B 124 17.33 -6.55 18.46
N LEU B 125 17.09 -7.23 19.56
CA LEU B 125 17.99 -7.16 20.72
C LEU B 125 19.39 -7.69 20.40
N LYS B 126 19.52 -8.50 19.35
CA LYS B 126 20.85 -9.04 18.98
C LYS B 126 21.70 -7.97 18.30
N ASP B 127 21.05 -6.89 17.86
CA ASP B 127 21.72 -5.79 17.18
C ASP B 127 22.21 -4.70 18.09
N TYR B 128 21.39 -4.35 19.07
CA TYR B 128 21.67 -3.22 19.92
C TYR B 128 20.88 -3.35 21.21
N ASP B 129 21.27 -2.61 22.23
CA ASP B 129 20.57 -2.70 23.50
C ASP B 129 19.33 -1.79 23.55
N TYR B 130 18.32 -2.16 22.76
CA TYR B 130 17.06 -1.39 22.74
C TYR B 130 16.34 -1.60 24.07
N THR B 131 15.67 -0.57 24.56
CA THR B 131 14.92 -0.70 25.81
C THR B 131 13.45 -0.35 25.57
N CYS B 132 13.09 -0.11 24.32
CA CYS B 132 11.71 0.22 23.97
C CYS B 132 11.37 -0.40 22.64
N PHE B 133 10.16 -0.96 22.56
CA PHE B 133 9.70 -1.60 21.34
C PHE B 133 8.35 -1.07 20.88
N VAL B 134 8.34 -0.57 19.65
CA VAL B 134 7.10 -0.07 19.06
C VAL B 134 6.70 -1.16 18.07
N PHE B 135 5.47 -1.65 18.19
CA PHE B 135 4.95 -2.68 17.29
C PHE B 135 3.91 -1.96 16.43
N SER B 136 4.18 -1.90 15.13
CA SER B 136 3.29 -1.19 14.21
C SER B 136 2.88 -1.96 12.98
N ASP B 137 1.57 -2.00 12.68
CA ASP B 137 1.16 -2.66 11.46
C ASP B 137 1.78 -1.81 10.34
N VAL B 138 1.96 -2.38 9.17
CA VAL B 138 2.62 -1.70 8.04
C VAL B 138 1.80 -0.63 7.34
N ASP B 139 0.49 -0.63 7.58
CA ASP B 139 -0.39 0.33 6.90
C ASP B 139 -0.99 1.43 7.77
N LEU B 140 -0.33 1.73 8.88
CA LEU B 140 -0.82 2.77 9.77
C LEU B 140 0.19 3.91 9.82
N ILE B 141 -0.28 5.12 9.53
CA ILE B 141 0.59 6.30 9.51
C ILE B 141 0.05 7.37 10.45
N PRO B 142 0.87 7.83 11.41
CA PRO B 142 0.40 8.86 12.35
C PRO B 142 0.26 10.21 11.63
N MET B 143 -0.78 10.97 11.98
CA MET B 143 -1.00 12.27 11.34
C MET B 143 -0.45 13.46 12.14
N ASN B 144 0.05 13.22 13.34
CA ASN B 144 0.57 14.31 14.15
C ASN B 144 1.86 13.84 14.84
N ASP B 145 2.99 14.51 14.57
CA ASP B 145 4.25 14.08 15.18
C ASP B 145 4.38 14.30 16.69
N HIS B 146 3.35 14.88 17.31
CA HIS B 146 3.35 14.99 18.76
C HIS B 146 2.96 13.61 19.34
N ASN B 147 2.59 12.67 18.48
CA ASN B 147 2.21 11.32 18.94
C ASN B 147 3.54 10.55 19.06
N ALA B 148 4.08 10.47 20.27
CA ALA B 148 5.39 9.85 20.50
C ALA B 148 5.54 8.37 20.21
N TYR B 149 6.50 8.04 19.35
CA TYR B 149 6.75 6.64 19.03
C TYR B 149 7.83 6.11 19.97
N ARG B 150 7.54 6.16 21.27
CA ARG B 150 8.46 5.65 22.27
C ARG B 150 7.68 5.20 23.50
N CYS B 151 8.41 4.76 24.51
CA CYS B 151 7.81 4.18 25.69
C CYS B 151 7.51 5.09 26.87
N PHE B 152 6.53 4.66 27.68
CA PHE B 152 6.06 5.40 28.84
C PHE B 152 6.09 4.52 30.09
N SER B 153 5.73 5.09 31.25
CA SER B 153 5.77 4.31 32.50
C SER B 153 4.75 3.17 32.46
N GLN B 154 3.76 3.28 31.59
CA GLN B 154 2.77 2.22 31.41
C GLN B 154 2.72 1.88 29.91
N PRO B 155 2.27 0.67 29.56
CA PRO B 155 2.22 0.32 28.13
C PRO B 155 1.45 1.39 27.37
N ARG B 156 1.96 1.76 26.19
CA ARG B 156 1.39 2.83 25.38
C ARG B 156 0.64 2.40 24.12
N HIS B 157 -0.61 2.84 23.97
CA HIS B 157 -1.39 2.54 22.77
C HIS B 157 -1.26 3.81 21.93
N ILE B 158 -0.70 3.70 20.73
CA ILE B 158 -0.41 4.85 19.88
C ILE B 158 -1.42 5.22 18.80
N SER B 159 -1.95 4.22 18.07
CA SER B 159 -2.90 4.51 17.01
C SER B 159 -4.30 4.59 17.62
N VAL B 160 -4.53 5.62 18.42
CA VAL B 160 -5.80 5.75 19.14
C VAL B 160 -7.00 6.27 18.35
N ALA B 161 -6.77 7.06 17.30
CA ALA B 161 -7.88 7.61 16.55
C ALA B 161 -7.68 7.39 15.07
N MET B 162 -7.91 6.16 14.65
CA MET B 162 -7.75 5.76 13.27
C MET B 162 -8.94 6.17 12.43
N ASP B 163 -8.68 6.63 11.21
CA ASP B 163 -9.75 7.04 10.33
C ASP B 163 -10.74 5.90 10.06
N LYS B 164 -10.23 4.68 9.92
CA LYS B 164 -11.16 3.57 9.65
C LYS B 164 -12.09 3.23 10.80
N PHE B 165 -11.84 3.82 11.97
CA PHE B 165 -12.71 3.60 13.11
C PHE B 165 -13.42 4.93 13.48
N GLY B 166 -13.55 5.82 12.51
CA GLY B 166 -14.21 7.09 12.76
C GLY B 166 -13.41 8.05 13.65
N PHE B 167 -12.09 7.96 13.59
CA PHE B 167 -11.22 8.82 14.41
C PHE B 167 -11.40 8.69 15.91
N SER B 168 -11.66 7.46 16.36
CA SER B 168 -11.78 7.18 17.79
C SER B 168 -11.47 5.70 18.02
N LEU B 169 -11.50 5.25 19.26
CA LEU B 169 -11.25 3.85 19.55
C LEU B 169 -12.48 3.02 19.17
N PRO B 170 -12.28 1.84 18.56
CA PRO B 170 -13.48 1.08 18.22
C PRO B 170 -14.15 0.57 19.51
N TYR B 171 -13.36 0.39 20.57
CA TYR B 171 -13.87 0.00 21.90
C TYR B 171 -12.77 0.43 22.85
N VAL B 172 -13.10 0.68 24.12
CA VAL B 172 -12.09 1.19 25.05
C VAL B 172 -10.91 0.31 25.38
N GLN B 173 -11.05 -1.00 25.25
CA GLN B 173 -9.92 -1.90 25.54
C GLN B 173 -9.14 -2.28 24.27
N TYR B 174 -9.42 -1.59 23.16
CA TYR B 174 -8.71 -1.85 21.90
C TYR B 174 -7.22 -1.51 22.05
N PHE B 175 -6.34 -2.47 21.72
CA PHE B 175 -4.90 -2.25 21.83
C PHE B 175 -4.18 -2.60 20.52
N GLY B 176 -4.90 -2.58 19.41
CA GLY B 176 -4.29 -2.94 18.15
C GLY B 176 -3.72 -1.79 17.34
N GLY B 177 -3.13 -2.13 16.20
CA GLY B 177 -2.60 -1.09 15.32
C GLY B 177 -1.15 -0.77 15.63
N VAL B 178 -0.93 0.22 16.48
CA VAL B 178 0.40 0.66 16.86
C VAL B 178 0.48 0.82 18.38
N SER B 179 1.51 0.22 18.98
CA SER B 179 1.68 0.34 20.42
C SER B 179 3.17 0.28 20.79
N ALA B 180 3.51 0.68 22.01
CA ALA B 180 4.89 0.66 22.47
C ALA B 180 5.00 0.08 23.86
N LEU B 181 5.90 -0.89 24.04
CA LEU B 181 6.13 -1.50 25.34
C LEU B 181 7.62 -1.44 25.62
N SER B 182 7.98 -1.06 26.84
CA SER B 182 9.38 -1.02 27.24
C SER B 182 9.84 -2.47 27.33
N LYS B 183 11.15 -2.69 27.32
CA LYS B 183 11.68 -4.05 27.41
C LYS B 183 11.08 -4.73 28.64
N GLN B 184 11.10 -4.03 29.78
CA GLN B 184 10.57 -4.61 31.00
C GLN B 184 9.08 -4.95 30.93
N GLN B 185 8.27 -4.08 30.31
CA GLN B 185 6.84 -4.38 30.19
C GLN B 185 6.59 -5.64 29.38
N PHE B 186 7.32 -5.77 28.27
CA PHE B 186 7.20 -6.91 27.38
C PHE B 186 7.64 -8.18 28.12
N LEU B 187 8.78 -8.09 28.78
CA LEU B 187 9.26 -9.28 29.50
C LEU B 187 8.28 -9.71 30.59
N THR B 188 7.67 -8.73 31.25
CA THR B 188 6.73 -9.02 32.34
C THR B 188 5.53 -9.87 31.95
N ILE B 189 5.05 -9.73 30.72
CA ILE B 189 3.90 -10.51 30.25
C ILE B 189 4.33 -11.74 29.44
N ASN B 190 5.60 -12.09 29.48
CA ASN B 190 6.12 -13.25 28.72
C ASN B 190 5.89 -12.99 27.23
N GLY B 191 6.07 -11.75 26.82
CA GLY B 191 5.88 -11.40 25.42
C GLY B 191 4.46 -11.64 24.94
N PHE B 192 4.33 -11.87 23.64
CA PHE B 192 3.02 -12.08 23.04
C PHE B 192 2.69 -13.55 22.78
N PRO B 193 1.40 -13.89 22.61
CA PRO B 193 0.99 -15.27 22.35
C PRO B 193 1.53 -15.75 20.98
N ASN B 194 1.85 -17.04 20.86
CA ASN B 194 2.35 -17.61 19.61
C ASN B 194 1.30 -18.43 18.84
N ASN B 195 0.14 -18.68 19.46
CA ASN B 195 -0.88 -19.50 18.82
C ASN B 195 -2.12 -18.83 18.27
N TYR B 196 -1.99 -17.56 17.90
CA TYR B 196 -3.10 -16.88 17.25
C TYR B 196 -2.81 -16.91 15.75
N TRP B 197 -3.42 -17.86 15.03
CA TRP B 197 -3.19 -17.96 13.58
C TRP B 197 -4.36 -17.35 12.84
N GLY B 198 -4.09 -16.53 11.83
CA GLY B 198 -5.17 -15.88 11.11
C GLY B 198 -5.52 -14.59 11.84
N TRP B 199 -6.44 -13.84 11.26
CA TRP B 199 -6.85 -12.54 11.77
C TRP B 199 -7.64 -12.51 13.07
N GLY B 200 -7.30 -11.55 13.93
CA GLY B 200 -8.06 -11.31 15.15
C GLY B 200 -7.75 -11.87 16.51
N GLY B 201 -8.04 -11.03 17.51
CA GLY B 201 -7.88 -11.40 18.91
C GLY B 201 -6.52 -11.34 19.57
N GLU B 202 -5.44 -11.45 18.80
CA GLU B 202 -4.13 -11.49 19.43
C GLU B 202 -3.85 -10.18 20.14
N ASP B 203 -4.38 -9.08 19.63
CA ASP B 203 -4.15 -7.78 20.27
C ASP B 203 -4.94 -7.69 21.59
N ASP B 204 -6.11 -8.32 21.61
CA ASP B 204 -6.94 -8.34 22.83
C ASP B 204 -6.23 -9.21 23.87
N ASP B 205 -5.59 -10.28 23.41
CA ASP B 205 -4.86 -11.19 24.32
C ASP B 205 -3.75 -10.39 25.01
N ILE B 206 -3.03 -9.58 24.23
CA ILE B 206 -1.94 -8.76 24.76
C ILE B 206 -2.49 -7.75 25.78
N PHE B 207 -3.61 -7.14 25.46
CA PHE B 207 -4.24 -6.21 26.42
C PHE B 207 -4.48 -6.98 27.72
N ASN B 208 -5.08 -8.17 27.61
CA ASN B 208 -5.36 -9.00 28.78
C ASN B 208 -4.10 -9.29 29.59
N ARG B 209 -3.02 -9.67 28.90
CA ARG B 209 -1.76 -9.97 29.59
C ARG B 209 -1.30 -8.78 30.42
N LEU B 210 -1.32 -7.60 29.82
CA LEU B 210 -0.88 -6.39 30.51
C LEU B 210 -1.71 -6.10 31.76
N VAL B 211 -3.02 -6.20 31.62
CA VAL B 211 -3.91 -5.94 32.76
C VAL B 211 -3.71 -7.00 33.84
N PHE B 212 -3.56 -8.26 33.44
CA PHE B 212 -3.33 -9.33 34.42
C PHE B 212 -2.05 -9.10 35.20
N ARG B 213 -1.09 -8.40 34.60
CA ARG B 213 0.15 -8.11 35.29
C ARG B 213 0.14 -6.73 35.97
N GLY B 214 -1.06 -6.18 36.16
CA GLY B 214 -1.21 -4.92 36.87
C GLY B 214 -0.97 -3.58 36.18
N MET B 215 -0.89 -3.58 34.87
CA MET B 215 -0.63 -2.34 34.15
C MET B 215 -1.89 -1.75 33.57
N SER B 216 -1.81 -0.48 33.17
CA SER B 216 -2.94 0.21 32.54
C SER B 216 -2.45 0.79 31.23
N ILE B 217 -3.36 1.02 30.32
CA ILE B 217 -2.98 1.55 29.02
C ILE B 217 -2.85 3.07 29.01
N SER B 218 -1.70 3.57 28.57
CA SER B 218 -1.49 5.01 28.44
C SER B 218 -1.75 5.41 26.97
N ARG B 219 -2.39 6.56 26.76
CA ARG B 219 -2.69 7.03 25.40
C ARG B 219 -2.62 8.54 25.19
N PRO B 220 -2.23 8.99 23.97
CA PRO B 220 -2.19 10.45 23.75
C PRO B 220 -3.67 10.79 23.55
N ASN B 221 -4.02 12.08 23.43
CA ASN B 221 -5.42 12.43 23.21
C ASN B 221 -5.81 12.07 21.79
N ALA B 222 -7.12 12.09 21.51
CA ALA B 222 -7.66 11.71 20.22
C ALA B 222 -7.19 12.53 19.03
N VAL B 223 -6.88 13.80 19.24
CA VAL B 223 -6.42 14.65 18.14
C VAL B 223 -4.95 14.34 17.84
N VAL B 224 -4.12 14.28 18.87
CA VAL B 224 -2.72 13.96 18.67
C VAL B 224 -2.61 12.51 18.14
N GLY B 225 -3.52 11.62 18.56
CA GLY B 225 -3.47 10.23 18.13
C GLY B 225 -4.12 9.87 16.80
N THR B 226 -4.55 10.88 16.05
CA THR B 226 -5.18 10.65 14.75
C THR B 226 -4.24 9.86 13.84
N THR B 227 -4.76 8.78 13.26
CA THR B 227 -3.94 7.92 12.43
C THR B 227 -4.64 7.52 11.14
N ARG B 228 -3.90 7.43 10.04
CA ARG B 228 -4.49 7.02 8.76
C ARG B 228 -4.12 5.58 8.44
N HIS B 229 -5.10 4.84 7.94
CA HIS B 229 -4.91 3.46 7.53
C HIS B 229 -4.97 3.43 6.01
N ILE B 230 -4.00 2.77 5.38
CA ILE B 230 -4.02 2.68 3.91
C ILE B 230 -5.09 1.65 3.55
N ARG B 231 -6.19 2.13 2.96
CA ARG B 231 -7.29 1.24 2.55
C ARG B 231 -6.76 0.12 1.68
N HIS B 232 -7.13 -1.11 2.00
CA HIS B 232 -6.67 -2.26 1.23
C HIS B 232 -7.71 -3.38 1.25
N SER B 233 -7.63 -4.26 0.27
CA SER B 233 -8.56 -5.39 0.20
C SER B 233 -7.99 -6.46 1.14
N ARG B 234 -8.80 -7.43 1.54
CA ARG B 234 -8.34 -8.49 2.44
C ARG B 234 -7.22 -9.31 1.82
N ASP B 235 -6.23 -9.69 2.62
CA ASP B 235 -5.14 -10.51 2.11
C ASP B 235 -5.60 -11.95 2.14
N LYS B 236 -4.89 -12.80 1.43
CA LYS B 236 -5.22 -14.22 1.45
C LYS B 236 -4.40 -14.72 2.64
N LYS B 237 -4.78 -15.87 3.18
CA LYS B 237 -4.07 -16.49 4.28
C LYS B 237 -4.02 -15.76 5.61
N ASN B 238 -5.00 -14.91 5.88
CA ASN B 238 -5.09 -14.27 7.19
C ASN B 238 -6.59 -14.20 7.52
N GLU B 239 -7.29 -15.30 7.22
CA GLU B 239 -8.74 -15.36 7.46
C GLU B 239 -9.04 -15.21 8.95
N PRO B 240 -10.16 -14.56 9.28
CA PRO B 240 -10.51 -14.39 10.70
C PRO B 240 -10.43 -15.75 11.40
N ASN B 241 -9.73 -15.77 12.52
CA ASN B 241 -9.53 -16.98 13.31
C ASN B 241 -10.79 -17.36 14.11
N PRO B 242 -11.43 -18.51 13.77
CA PRO B 242 -12.64 -18.94 14.50
C PRO B 242 -12.38 -19.21 15.98
N GLN B 243 -11.17 -19.60 16.32
CA GLN B 243 -10.86 -19.90 17.72
C GLN B 243 -10.51 -18.67 18.58
N ARG B 244 -10.47 -17.49 17.97
CA ARG B 244 -10.03 -16.30 18.71
C ARG B 244 -10.81 -15.93 19.97
N PHE B 245 -12.13 -16.08 19.94
CA PHE B 245 -12.90 -15.73 21.13
C PHE B 245 -12.59 -16.68 22.25
N ASP B 246 -12.38 -17.96 21.94
CA ASP B 246 -12.05 -18.90 23.00
C ASP B 246 -10.66 -18.61 23.56
N ARG B 247 -9.72 -18.30 22.67
CA ARG B 247 -8.37 -18.00 23.13
C ARG B 247 -8.25 -16.76 24.02
N ILE B 248 -8.89 -15.66 23.66
CA ILE B 248 -8.76 -14.48 24.51
C ILE B 248 -9.42 -14.65 25.88
N ALA B 249 -10.32 -15.64 25.98
CA ALA B 249 -11.00 -15.91 27.25
C ALA B 249 -10.09 -16.70 28.20
N HIS B 250 -8.98 -17.25 27.69
CA HIS B 250 -8.06 -18.02 28.52
C HIS B 250 -6.66 -17.45 28.62
N THR B 251 -6.50 -16.16 28.31
CA THR B 251 -5.20 -15.53 28.37
C THR B 251 -4.48 -15.73 29.72
N LYS B 252 -5.18 -15.51 30.81
CA LYS B 252 -4.58 -15.65 32.12
C LYS B 252 -3.96 -17.03 32.31
N GLU B 253 -4.66 -18.04 31.82
CA GLU B 253 -4.23 -19.42 31.97
C GLU B 253 -3.13 -19.86 30.99
N THR B 254 -3.06 -19.20 29.83
CA THR B 254 -2.06 -19.60 28.84
C THR B 254 -0.83 -18.71 28.74
N MET B 255 -0.92 -17.46 29.21
CA MET B 255 0.21 -16.54 29.08
C MET B 255 1.51 -16.95 29.75
N LEU B 256 1.43 -17.69 30.84
CA LEU B 256 2.65 -18.07 31.54
C LEU B 256 3.49 -19.11 30.80
N SER B 257 2.84 -19.96 30.02
CA SER B 257 3.54 -21.02 29.30
C SER B 257 3.56 -20.84 27.78
N ASP B 258 2.91 -19.78 27.29
CA ASP B 258 2.89 -19.52 25.85
C ASP B 258 3.32 -18.08 25.58
N GLY B 259 4.47 -17.90 24.93
CA GLY B 259 4.96 -16.57 24.63
C GLY B 259 6.45 -16.58 24.36
N LEU B 260 7.15 -15.60 24.89
CA LEU B 260 8.58 -15.50 24.70
C LEU B 260 9.29 -16.79 25.16
N ASN B 261 8.86 -17.35 26.29
CA ASN B 261 9.50 -18.57 26.79
C ASN B 261 9.24 -19.82 25.96
N SER B 262 8.25 -19.80 25.07
CA SER B 262 7.97 -20.97 24.24
C SER B 262 8.15 -20.66 22.74
N LEU B 263 8.78 -19.53 22.46
CA LEU B 263 8.97 -19.09 21.09
C LEU B 263 9.99 -19.90 20.27
N THR B 264 9.56 -20.40 19.10
CA THR B 264 10.49 -21.12 18.23
C THR B 264 10.28 -20.65 16.80
N TYR B 265 11.38 -20.55 16.05
CA TYR B 265 11.32 -20.13 14.67
C TYR B 265 12.67 -20.37 14.03
N GLN B 266 12.71 -20.21 12.72
CA GLN B 266 13.94 -20.37 11.96
C GLN B 266 14.13 -19.15 11.03
N VAL B 267 15.17 -18.38 11.29
CA VAL B 267 15.49 -17.22 10.46
C VAL B 267 16.06 -17.74 9.14
N LEU B 268 15.48 -17.32 8.03
CA LEU B 268 15.96 -17.74 6.72
C LEU B 268 16.93 -16.73 6.11
N ASP B 269 16.79 -15.46 6.47
CA ASP B 269 17.67 -14.44 5.88
C ASP B 269 17.53 -13.13 6.67
N VAL B 270 18.61 -12.35 6.68
CA VAL B 270 18.61 -11.05 7.30
C VAL B 270 19.18 -10.13 6.23
N GLN B 271 18.41 -9.13 5.84
CA GLN B 271 18.87 -8.22 4.79
C GLN B 271 18.82 -6.79 5.31
N ARG B 272 19.94 -6.10 5.20
CA ARG B 272 20.02 -4.71 5.65
C ARG B 272 19.82 -3.82 4.44
N TYR B 273 18.76 -3.03 4.47
CA TYR B 273 18.49 -2.10 3.39
C TYR B 273 18.78 -0.70 3.91
N PRO B 274 18.92 0.27 3.03
CA PRO B 274 19.19 1.61 3.56
C PRO B 274 18.21 2.10 4.64
N LEU B 275 16.93 1.80 4.44
CA LEU B 275 15.87 2.30 5.32
C LEU B 275 15.25 1.32 6.31
N TYR B 276 15.72 0.08 6.29
CA TYR B 276 15.20 -0.92 7.21
C TYR B 276 15.96 -2.21 7.14
N THR B 277 15.81 -2.99 8.20
CA THR B 277 16.41 -4.31 8.26
C THR B 277 15.23 -5.26 8.07
N GLN B 278 15.37 -6.21 7.16
CA GLN B 278 14.31 -7.19 6.92
C GLN B 278 14.76 -8.59 7.34
N ILE B 279 14.03 -9.17 8.29
CA ILE B 279 14.34 -10.52 8.79
C ILE B 279 13.24 -11.44 8.30
N THR B 280 13.58 -12.39 7.43
CA THR B 280 12.60 -13.34 6.91
C THR B 280 12.69 -14.59 7.76
N VAL B 281 11.52 -15.04 8.22
CA VAL B 281 11.53 -16.16 9.15
C VAL B 281 10.44 -17.19 8.93
N ASP B 282 10.78 -18.43 9.22
CA ASP B 282 9.82 -19.52 9.10
C ASP B 282 9.29 -19.66 10.53
N ILE B 283 8.04 -19.26 10.74
CA ILE B 283 7.46 -19.34 12.08
C ILE B 283 6.55 -20.55 12.24
N GLY B 284 6.52 -21.42 11.23
CA GLY B 284 5.72 -22.63 11.33
C GLY B 284 4.24 -22.56 10.98
N THR B 285 3.52 -23.61 11.35
CA THR B 285 2.11 -23.72 11.04
C THR B 285 1.30 -24.14 12.28
N PRO B 286 -0.02 -23.98 12.23
CA PRO B 286 -0.83 -24.38 13.39
C PRO B 286 -0.81 -25.89 13.54
N SER B 287 -1.02 -26.36 14.75
CA SER B 287 -1.06 -27.80 15.02
C SER B 287 -2.20 -28.49 14.27
N LEU C 16 -21.90 4.43 9.29
CA LEU C 16 -20.72 5.25 9.69
C LEU C 16 -21.01 6.09 10.93
N PRO C 17 -20.00 6.28 11.79
CA PRO C 17 -20.20 7.10 12.99
C PRO C 17 -20.16 8.58 12.59
N ALA C 18 -20.66 9.42 13.48
CA ALA C 18 -20.64 10.86 13.24
C ALA C 18 -19.18 11.30 13.30
N CYS C 19 -18.81 12.33 12.54
CA CYS C 19 -17.44 12.84 12.57
C CYS C 19 -17.25 13.57 13.90
N PRO C 20 -16.00 13.71 14.37
CA PRO C 20 -15.81 14.42 15.64
C PRO C 20 -16.39 15.83 15.52
N GLU C 21 -16.82 16.41 16.64
CA GLU C 21 -17.39 17.75 16.61
C GLU C 21 -16.47 18.73 15.88
N GLU C 22 -15.17 18.69 16.16
CA GLU C 22 -14.24 19.55 15.44
C GLU C 22 -13.31 18.60 14.73
N SER C 23 -12.95 18.88 13.49
CA SER C 23 -12.06 18.01 12.76
C SER C 23 -10.68 17.87 13.40
N PRO C 24 -10.14 16.64 13.46
CA PRO C 24 -8.82 16.42 14.06
C PRO C 24 -7.73 16.59 12.99
N LEU C 25 -8.14 16.88 11.76
CA LEU C 25 -7.23 16.99 10.62
C LEU C 25 -6.67 18.39 10.33
N LEU C 26 -7.17 19.39 11.05
CA LEU C 26 -6.78 20.77 10.83
C LEU C 26 -5.30 21.05 11.10
N VAL C 27 -4.69 21.88 10.26
CA VAL C 27 -3.28 22.24 10.43
C VAL C 27 -3.13 23.70 10.84
N GLY C 28 -4.21 24.47 10.79
CA GLY C 28 -4.12 25.87 11.19
C GLY C 28 -3.61 26.84 10.13
N PRO C 29 -2.68 27.76 10.48
CA PRO C 29 -2.16 28.75 9.52
C PRO C 29 -1.44 28.12 8.33
N MET C 30 -1.67 28.67 7.14
CA MET C 30 -1.10 28.13 5.91
C MET C 30 -0.41 29.21 5.08
N LEU C 31 0.42 28.80 4.13
CA LEU C 31 1.11 29.73 3.25
C LEU C 31 0.23 29.92 2.00
N ILE C 32 -0.09 31.16 1.70
CA ILE C 32 -0.94 31.46 0.54
C ILE C 32 -0.22 32.35 -0.46
N GLU C 33 -0.08 31.87 -1.70
CA GLU C 33 0.60 32.62 -2.75
C GLU C 33 -0.20 32.65 -4.04
N PHE C 34 -0.12 33.78 -4.76
CA PHE C 34 -0.83 33.96 -6.02
C PHE C 34 0.16 34.31 -7.13
N ASN C 35 1.37 33.77 -7.08
CA ASN C 35 2.35 34.10 -8.12
C ASN C 35 2.84 32.93 -8.95
N MET C 36 2.01 31.89 -9.06
CA MET C 36 2.40 30.74 -9.87
C MET C 36 1.22 30.29 -10.70
N PRO C 37 1.48 29.52 -11.77
CA PRO C 37 0.38 29.05 -12.61
C PRO C 37 -0.34 27.87 -11.94
N VAL C 38 -1.65 27.76 -12.21
CA VAL C 38 -2.45 26.68 -11.64
C VAL C 38 -3.02 25.85 -12.76
N ASP C 39 -2.82 24.54 -12.68
CA ASP C 39 -3.32 23.61 -13.68
C ASP C 39 -4.40 22.75 -13.01
N LEU C 40 -5.67 23.02 -13.37
CA LEU C 40 -6.79 22.30 -12.77
C LEU C 40 -6.77 20.78 -12.92
N GLU C 41 -6.08 20.27 -13.94
CA GLU C 41 -6.01 18.81 -14.09
C GLU C 41 -5.13 18.28 -12.96
N LEU C 42 -4.10 19.05 -12.63
CA LEU C 42 -3.19 18.70 -11.55
C LEU C 42 -3.93 18.83 -10.22
N VAL C 43 -4.68 19.92 -10.05
CA VAL C 43 -5.41 20.11 -8.80
C VAL C 43 -6.36 18.94 -8.56
N ALA C 44 -6.98 18.44 -9.63
CA ALA C 44 -7.89 17.31 -9.53
C ALA C 44 -7.10 16.06 -9.11
N LYS C 45 -5.90 15.89 -9.66
CA LYS C 45 -5.08 14.74 -9.30
C LYS C 45 -4.63 14.84 -7.84
N GLN C 46 -4.47 16.06 -7.36
CA GLN C 46 -4.09 16.28 -5.97
C GLN C 46 -5.27 16.11 -5.03
N ASN C 47 -6.49 16.18 -5.57
CA ASN C 47 -7.71 16.04 -4.78
C ASN C 47 -8.57 14.91 -5.38
N PRO C 48 -8.03 13.68 -5.36
CA PRO C 48 -8.68 12.48 -5.88
C PRO C 48 -10.06 12.17 -5.31
N ASN C 49 -10.31 12.57 -4.08
CA ASN C 49 -11.59 12.26 -3.45
C ASN C 49 -12.73 13.22 -3.81
N VAL C 50 -12.42 14.31 -4.49
CA VAL C 50 -13.43 15.27 -4.92
C VAL C 50 -14.09 14.68 -6.18
N LYS C 51 -15.40 14.47 -6.12
CA LYS C 51 -16.16 13.88 -7.22
C LYS C 51 -16.66 14.91 -8.24
N MET C 52 -17.03 14.42 -9.43
CA MET C 52 -17.50 15.27 -10.52
C MET C 52 -18.49 16.31 -10.04
N GLY C 53 -18.30 17.54 -10.50
CA GLY C 53 -19.16 18.63 -10.10
C GLY C 53 -18.66 19.27 -8.81
N GLY C 54 -17.46 18.87 -8.36
CA GLY C 54 -16.88 19.43 -7.14
C GLY C 54 -17.62 19.08 -5.86
N ARG C 55 -17.88 17.79 -5.65
CA ARG C 55 -18.60 17.29 -4.48
C ARG C 55 -17.71 16.38 -3.64
N TYR C 56 -17.82 16.50 -2.33
CA TYR C 56 -17.03 15.67 -1.41
C TYR C 56 -17.74 15.45 -0.09
N ALA C 57 -17.51 14.27 0.49
CA ALA C 57 -18.02 13.95 1.82
C ALA C 57 -17.03 12.92 2.37
N PRO C 58 -16.75 12.97 3.67
CA PRO C 58 -15.80 11.98 4.21
C PRO C 58 -16.23 10.53 4.04
N ARG C 59 -15.24 9.67 3.79
CA ARG C 59 -15.48 8.24 3.65
C ARG C 59 -15.66 7.58 5.02
N ASP C 60 -14.99 8.11 6.03
CA ASP C 60 -15.00 7.49 7.35
C ASP C 60 -15.99 7.94 8.40
N CYS C 61 -16.71 9.02 8.16
CA CYS C 61 -17.67 9.46 9.15
C CYS C 61 -18.71 10.34 8.50
N VAL C 62 -19.80 10.57 9.23
CA VAL C 62 -20.90 11.38 8.71
C VAL C 62 -20.73 12.80 9.24
N SER C 63 -20.68 13.76 8.33
CA SER C 63 -20.57 15.15 8.73
C SER C 63 -21.96 15.76 8.93
N PRO C 64 -22.14 16.59 9.97
CA PRO C 64 -23.45 17.22 10.20
C PRO C 64 -23.55 18.47 9.33
N HIS C 65 -22.44 18.84 8.69
CA HIS C 65 -22.43 20.03 7.86
C HIS C 65 -22.61 19.67 6.39
N LYS C 66 -23.79 19.99 5.85
CA LYS C 66 -24.10 19.74 4.45
C LYS C 66 -24.10 21.15 3.89
N VAL C 67 -22.98 21.49 3.26
CA VAL C 67 -22.71 22.83 2.78
C VAL C 67 -22.57 23.03 1.29
N ALA C 68 -23.31 24.01 0.78
CA ALA C 68 -23.24 24.36 -0.62
C ALA C 68 -22.44 25.68 -0.60
N ILE C 69 -21.27 25.70 -1.23
CA ILE C 69 -20.45 26.92 -1.29
C ILE C 69 -20.79 27.57 -2.62
N ILE C 70 -21.29 28.80 -2.53
CA ILE C 70 -21.76 29.52 -3.69
C ILE C 70 -20.93 30.75 -4.02
N ILE C 71 -20.42 30.78 -5.25
CA ILE C 71 -19.56 31.86 -5.73
C ILE C 71 -20.20 32.67 -6.88
N PRO C 72 -20.42 33.98 -6.68
CA PRO C 72 -21.00 34.85 -7.73
C PRO C 72 -19.87 34.98 -8.73
N PHE C 73 -20.16 34.90 -10.03
CA PHE C 73 -19.08 34.88 -10.99
C PHE C 73 -19.35 35.40 -12.42
N ARG C 74 -18.27 35.88 -13.03
CA ARG C 74 -18.23 36.32 -14.42
C ARG C 74 -16.85 36.80 -14.79
N ASN C 75 -16.24 36.09 -15.73
CA ASN C 75 -14.92 36.44 -16.23
C ASN C 75 -13.85 36.56 -15.13
N ARG C 76 -13.75 35.55 -14.27
CA ARG C 76 -12.75 35.52 -13.19
C ARG C 76 -12.16 34.13 -13.10
N GLN C 77 -11.92 33.52 -14.27
CA GLN C 77 -11.39 32.16 -14.31
C GLN C 77 -10.06 32.02 -13.58
N GLU C 78 -9.15 32.98 -13.79
CA GLU C 78 -7.84 32.93 -13.16
C GLU C 78 -7.97 32.91 -11.63
N HIS C 79 -8.86 33.74 -11.09
CA HIS C 79 -9.07 33.78 -9.65
C HIS C 79 -9.67 32.48 -9.17
N LEU C 80 -10.64 31.97 -9.93
CA LEU C 80 -11.29 30.72 -9.58
C LEU C 80 -10.29 29.56 -9.47
N LYS C 81 -9.27 29.55 -10.34
CA LYS C 81 -8.28 28.49 -10.31
C LYS C 81 -7.54 28.49 -8.97
N TYR C 82 -7.22 29.68 -8.46
CA TYR C 82 -6.54 29.79 -7.17
C TYR C 82 -7.50 29.39 -6.04
N TRP C 83 -8.76 29.84 -6.14
CA TRP C 83 -9.75 29.54 -5.12
C TRP C 83 -9.89 28.03 -4.98
N LEU C 84 -10.02 27.33 -6.10
CA LEU C 84 -10.18 25.89 -6.09
C LEU C 84 -8.94 25.17 -5.57
N TYR C 85 -7.78 25.68 -5.96
CA TYR C 85 -6.50 25.13 -5.54
C TYR C 85 -6.36 25.19 -4.02
N TYR C 86 -6.71 26.33 -3.44
CA TYR C 86 -6.60 26.51 -2.00
C TYR C 86 -7.75 25.96 -1.14
N LEU C 87 -8.98 26.21 -1.56
CA LEU C 87 -10.12 25.74 -0.75
C LEU C 87 -10.42 24.25 -0.75
N HIS C 88 -10.22 23.54 -1.86
CA HIS C 88 -10.57 22.13 -1.82
C HIS C 88 -9.84 21.38 -0.70
N PRO C 89 -8.51 21.55 -0.56
CA PRO C 89 -7.81 20.83 0.52
C PRO C 89 -8.36 21.21 1.89
N VAL C 90 -8.62 22.50 2.06
CA VAL C 90 -9.15 23.02 3.31
C VAL C 90 -10.55 22.49 3.68
N LEU C 91 -11.45 22.48 2.71
CA LEU C 91 -12.81 22.01 2.95
C LEU C 91 -12.82 20.52 3.30
N GLN C 92 -11.93 19.75 2.68
CA GLN C 92 -11.86 18.33 3.00
C GLN C 92 -11.31 18.11 4.41
N ARG C 93 -10.31 18.90 4.81
CA ARG C 93 -9.75 18.74 6.15
C ARG C 93 -10.80 19.12 7.21
N GLN C 94 -11.74 20.00 6.84
CA GLN C 94 -12.80 20.41 7.75
C GLN C 94 -13.93 19.36 7.82
N GLN C 95 -13.74 18.26 7.10
CA GLN C 95 -14.69 17.14 7.07
C GLN C 95 -16.14 17.53 6.73
N LEU C 96 -16.30 18.36 5.71
CA LEU C 96 -17.63 18.81 5.32
C LEU C 96 -18.20 17.94 4.20
N ASP C 97 -19.53 17.91 4.09
CA ASP C 97 -20.22 17.18 3.02
C ASP C 97 -20.59 18.40 2.18
N TYR C 98 -19.78 18.68 1.16
CA TYR C 98 -19.99 19.89 0.40
C TYR C 98 -19.99 19.81 -1.11
N GLY C 99 -20.36 20.94 -1.72
CA GLY C 99 -20.41 21.04 -3.16
C GLY C 99 -20.10 22.46 -3.55
N ILE C 100 -19.35 22.63 -4.63
CA ILE C 100 -18.96 23.95 -5.12
C ILE C 100 -19.86 24.35 -6.30
N TYR C 101 -20.44 25.54 -6.21
CA TYR C 101 -21.31 26.11 -7.24
C TYR C 101 -20.86 27.50 -7.65
N VAL C 102 -20.42 27.61 -8.90
CA VAL C 102 -19.98 28.86 -9.47
C VAL C 102 -21.18 29.42 -10.28
N ILE C 103 -21.77 30.51 -9.81
CA ILE C 103 -22.94 31.07 -10.50
C ILE C 103 -22.48 32.11 -11.53
N ASN C 104 -22.40 31.68 -12.79
CA ASN C 104 -21.92 32.52 -13.87
C ASN C 104 -23.02 33.38 -14.52
N GLN C 105 -22.86 34.70 -14.47
CA GLN C 105 -23.84 35.60 -15.06
C GLN C 105 -23.76 35.60 -16.58
N ALA C 106 -24.81 35.13 -17.24
CA ALA C 106 -24.84 35.10 -18.70
C ALA C 106 -24.91 36.55 -19.21
N GLY C 107 -24.33 36.80 -20.38
CA GLY C 107 -24.40 38.12 -20.96
C GLY C 107 -23.36 39.13 -20.52
N ASP C 108 -23.53 40.37 -20.99
CA ASP C 108 -22.61 41.44 -20.67
C ASP C 108 -23.33 42.64 -20.08
N THR C 109 -24.47 42.35 -19.46
CA THR C 109 -25.28 43.39 -18.80
C THR C 109 -24.61 43.68 -17.44
N ILE C 110 -25.03 44.75 -16.77
CA ILE C 110 -24.45 45.11 -15.49
C ILE C 110 -24.52 43.95 -14.47
N PHE C 111 -23.42 43.71 -13.76
CA PHE C 111 -23.34 42.63 -12.78
C PHE C 111 -24.32 42.74 -11.60
N ASN C 112 -24.82 41.61 -11.12
CA ASN C 112 -25.72 41.62 -9.98
C ASN C 112 -25.30 40.53 -8.98
N ARG C 113 -24.29 40.85 -8.17
CA ARG C 113 -23.76 39.89 -7.19
C ARG C 113 -24.80 39.16 -6.36
N ALA C 114 -25.63 39.90 -5.64
CA ALA C 114 -26.64 39.29 -4.77
C ALA C 114 -27.68 38.41 -5.45
N LYS C 115 -28.03 38.72 -6.68
CA LYS C 115 -29.04 37.91 -7.36
C LYS C 115 -28.42 36.58 -7.74
N LEU C 116 -27.16 36.61 -8.12
CA LEU C 116 -26.45 35.39 -8.46
C LEU C 116 -26.40 34.49 -7.22
N LEU C 117 -26.24 35.10 -6.05
CA LEU C 117 -26.18 34.32 -4.81
C LEU C 117 -27.52 33.63 -4.55
N ASN C 118 -28.61 34.35 -4.80
CA ASN C 118 -29.95 33.80 -4.62
C ASN C 118 -30.13 32.60 -5.55
N VAL C 119 -29.68 32.73 -6.79
CA VAL C 119 -29.78 31.66 -7.77
C VAL C 119 -29.01 30.45 -7.23
N GLY C 120 -27.81 30.68 -6.68
CA GLY C 120 -27.02 29.58 -6.13
C GLY C 120 -27.78 28.78 -5.10
N PHE C 121 -28.44 29.50 -4.19
CA PHE C 121 -29.23 28.88 -3.13
C PHE C 121 -30.30 27.94 -3.68
N GLN C 122 -31.14 28.48 -4.58
CA GLN C 122 -32.24 27.70 -5.18
C GLN C 122 -31.75 26.49 -5.98
N GLU C 123 -30.78 26.71 -6.84
CA GLU C 123 -30.27 25.65 -7.69
C GLU C 123 -29.51 24.54 -6.96
N ALA C 124 -28.75 24.91 -5.92
CA ALA C 124 -28.00 23.90 -5.16
C ALA C 124 -28.98 22.98 -4.45
N LEU C 125 -30.07 23.54 -3.94
CA LEU C 125 -31.07 22.72 -3.24
C LEU C 125 -31.69 21.67 -4.19
N LYS C 126 -31.62 21.90 -5.49
CA LYS C 126 -32.15 20.94 -6.45
C LYS C 126 -31.24 19.71 -6.58
N ASP C 127 -29.96 19.87 -6.25
CA ASP C 127 -29.02 18.74 -6.33
C ASP C 127 -29.04 17.88 -5.07
N TYR C 128 -29.07 18.54 -3.93
CA TYR C 128 -28.93 17.81 -2.67
C TYR C 128 -29.59 18.57 -1.52
N ASP C 129 -29.90 17.84 -0.45
CA ASP C 129 -30.52 18.44 0.72
C ASP C 129 -29.52 19.26 1.59
N TYR C 130 -28.89 20.28 1.00
CA TYR C 130 -27.95 21.13 1.76
C TYR C 130 -28.69 21.92 2.83
N THR C 131 -28.08 22.08 4.00
CA THR C 131 -28.72 22.85 5.05
C THR C 131 -27.87 24.06 5.49
N CYS C 132 -26.81 24.32 4.74
CA CYS C 132 -25.92 25.42 5.05
C CYS C 132 -25.39 25.98 3.76
N PHE C 133 -25.30 27.29 3.68
CA PHE C 133 -24.81 27.92 2.45
C PHE C 133 -23.73 28.93 2.78
N VAL C 134 -22.57 28.75 2.14
CA VAL C 134 -21.45 29.67 2.31
C VAL C 134 -21.42 30.50 1.03
N PHE C 135 -21.46 31.81 1.19
CA PHE C 135 -21.42 32.71 0.05
C PHE C 135 -20.04 33.34 0.01
N SER C 136 -19.28 33.05 -1.02
CA SER C 136 -17.91 33.55 -1.12
C SER C 136 -17.51 34.19 -2.43
N ASP C 137 -16.90 35.37 -2.34
CA ASP C 137 -16.40 36.01 -3.55
C ASP C 137 -15.31 35.07 -4.03
N VAL C 138 -15.03 35.11 -5.33
CA VAL C 138 -14.06 34.22 -5.96
C VAL C 138 -12.60 34.53 -5.67
N ASP C 139 -12.35 35.70 -5.09
CA ASP C 139 -10.98 36.13 -4.83
C ASP C 139 -10.56 36.23 -3.36
N LEU C 140 -11.23 35.49 -2.49
CA LEU C 140 -10.90 35.49 -1.07
C LEU C 140 -10.46 34.10 -0.64
N ILE C 141 -9.26 34.02 -0.07
CA ILE C 141 -8.68 32.76 0.38
C ILE C 141 -8.40 32.80 1.89
N PRO C 142 -8.92 31.84 2.66
CA PRO C 142 -8.67 31.85 4.11
C PRO C 142 -7.22 31.38 4.35
N MET C 143 -6.53 31.92 5.34
CA MET C 143 -5.15 31.50 5.61
C MET C 143 -5.04 30.51 6.78
N ASN C 144 -6.16 30.26 7.45
CA ASN C 144 -6.18 29.37 8.61
C ASN C 144 -7.38 28.40 8.49
N ASP C 145 -7.11 27.09 8.39
CA ASP C 145 -8.18 26.14 8.25
C ASP C 145 -9.03 25.91 9.49
N HIS C 146 -8.83 26.74 10.53
CA HIS C 146 -9.65 26.68 11.75
C HIS C 146 -10.84 27.64 11.55
N ASN C 147 -10.83 28.38 10.45
CA ASN C 147 -11.91 29.31 10.12
C ASN C 147 -12.94 28.41 9.41
N ALA C 148 -13.95 27.99 10.17
CA ALA C 148 -14.95 27.05 9.67
C ALA C 148 -15.84 27.57 8.55
N TYR C 149 -15.88 26.83 7.44
CA TYR C 149 -16.73 27.20 6.31
C TYR C 149 -18.05 26.44 6.42
N ARG C 150 -18.75 26.66 7.52
CA ARG C 150 -20.03 26.01 7.71
C ARG C 150 -20.87 26.92 8.58
N CYS C 151 -22.10 26.50 8.88
CA CYS C 151 -23.02 27.32 9.64
C CYS C 151 -23.01 27.20 11.16
N PHE C 152 -23.46 28.26 11.83
CA PHE C 152 -23.53 28.36 13.29
C PHE C 152 -24.94 28.74 13.74
N SER C 153 -25.16 28.85 15.04
CA SER C 153 -26.50 29.18 15.54
C SER C 153 -26.97 30.55 15.08
N GLN C 154 -26.03 31.42 14.71
CA GLN C 154 -26.36 32.75 14.19
C GLN C 154 -25.63 32.88 12.86
N PRO C 155 -26.05 33.83 12.01
CA PRO C 155 -25.41 34.04 10.72
C PRO C 155 -23.92 34.21 10.99
N ARG C 156 -23.08 33.67 10.11
CA ARG C 156 -21.62 33.71 10.31
C ARG C 156 -20.87 34.53 9.30
N HIS C 157 -20.05 35.46 9.79
CA HIS C 157 -19.21 36.28 8.91
C HIS C 157 -17.83 35.62 8.98
N ILE C 158 -17.33 35.15 7.84
CA ILE C 158 -16.08 34.41 7.74
C ILE C 158 -14.81 35.18 7.38
N SER C 159 -14.88 36.04 6.36
CA SER C 159 -13.71 36.83 5.95
C SER C 159 -13.56 38.07 6.85
N VAL C 160 -13.27 37.84 8.12
CA VAL C 160 -13.18 38.94 9.07
C VAL C 160 -11.90 39.76 9.12
N ALA C 161 -10.78 39.21 8.68
CA ALA C 161 -9.51 39.95 8.71
C ALA C 161 -8.80 39.87 7.37
N MET C 162 -9.33 40.60 6.40
CA MET C 162 -8.78 40.63 5.06
C MET C 162 -7.57 41.54 4.97
N ASP C 163 -6.56 41.10 4.24
CA ASP C 163 -5.36 41.92 4.10
C ASP C 163 -5.71 43.27 3.45
N LYS C 164 -6.61 43.27 2.47
CA LYS C 164 -6.95 44.52 1.81
C LYS C 164 -7.60 45.52 2.77
N PHE C 165 -8.05 45.06 3.93
CA PHE C 165 -8.63 45.96 4.92
C PHE C 165 -7.72 46.10 6.16
N GLY C 166 -6.43 45.87 5.98
CA GLY C 166 -5.51 45.98 7.09
C GLY C 166 -5.71 44.94 8.17
N PHE C 167 -6.11 43.74 7.76
CA PHE C 167 -6.34 42.63 8.69
C PHE C 167 -7.33 42.84 9.81
N SER C 168 -8.39 43.58 9.51
CA SER C 168 -9.48 43.82 10.47
C SER C 168 -10.72 44.15 9.66
N LEU C 169 -11.85 44.31 10.33
CA LEU C 169 -13.08 44.66 9.64
C LEU C 169 -12.99 46.11 9.18
N PRO C 170 -13.53 46.42 7.99
CA PRO C 170 -13.45 47.81 7.56
C PRO C 170 -14.37 48.64 8.44
N TYR C 171 -15.38 47.99 9.00
CA TYR C 171 -16.32 48.62 9.91
C TYR C 171 -17.06 47.48 10.58
N VAL C 172 -17.44 47.67 11.83
CA VAL C 172 -18.05 46.62 12.63
C VAL C 172 -19.29 45.91 12.07
N GLN C 173 -20.05 46.60 11.23
CA GLN C 173 -21.25 45.99 10.66
C GLN C 173 -21.02 45.41 9.27
N TYR C 174 -19.76 45.36 8.83
CA TYR C 174 -19.40 44.79 7.53
C TYR C 174 -19.72 43.29 7.49
N PHE C 175 -20.39 42.87 6.42
CA PHE C 175 -20.79 41.47 6.26
C PHE C 175 -20.48 40.96 4.85
N GLY C 176 -19.58 41.63 4.14
CA GLY C 176 -19.24 41.20 2.79
C GLY C 176 -18.10 40.19 2.71
N GLY C 177 -17.73 39.78 1.50
CA GLY C 177 -16.64 38.84 1.33
C GLY C 177 -17.04 37.36 1.38
N VAL C 178 -16.99 36.79 2.58
CA VAL C 178 -17.36 35.39 2.79
C VAL C 178 -18.26 35.31 4.01
N SER C 179 -19.39 34.64 3.86
CA SER C 179 -20.32 34.49 4.98
C SER C 179 -21.04 33.15 4.85
N ALA C 180 -21.66 32.72 5.94
CA ALA C 180 -22.42 31.48 5.92
C ALA C 180 -23.76 31.66 6.61
N LEU C 181 -24.81 31.13 5.99
CA LEU C 181 -26.15 31.20 6.57
C LEU C 181 -26.79 29.83 6.48
N SER C 182 -27.41 29.39 7.57
CA SER C 182 -28.09 28.10 7.56
C SER C 182 -29.30 28.30 6.63
N LYS C 183 -29.90 27.20 6.18
CA LYS C 183 -31.05 27.31 5.29
C LYS C 183 -32.15 28.10 5.99
N GLN C 184 -32.36 27.84 7.28
CA GLN C 184 -33.42 28.55 7.99
C GLN C 184 -33.13 30.05 8.10
N GLN C 185 -31.88 30.42 8.35
CA GLN C 185 -31.51 31.84 8.46
C GLN C 185 -31.78 32.54 7.14
N PHE C 186 -31.39 31.89 6.06
CA PHE C 186 -31.59 32.44 4.73
C PHE C 186 -33.08 32.62 4.42
N LEU C 187 -33.88 31.60 4.75
CA LEU C 187 -35.32 31.66 4.48
C LEU C 187 -35.96 32.75 5.34
N THR C 188 -35.54 32.83 6.59
CA THR C 188 -36.09 33.82 7.50
C THR C 188 -36.01 35.28 7.01
N ILE C 189 -34.96 35.62 6.26
CA ILE C 189 -34.81 36.99 5.75
C ILE C 189 -35.25 37.16 4.29
N ASN C 190 -35.96 36.16 3.77
CA ASN C 190 -36.42 36.17 2.39
C ASN C 190 -35.27 36.28 1.41
N GLY C 191 -34.19 35.55 1.70
CA GLY C 191 -33.02 35.59 0.84
C GLY C 191 -32.39 36.95 0.74
N PHE C 192 -31.65 37.17 -0.34
CA PHE C 192 -30.98 38.43 -0.52
C PHE C 192 -31.79 39.29 -1.50
N PRO C 193 -31.53 40.62 -1.54
CA PRO C 193 -32.25 41.52 -2.45
C PRO C 193 -31.88 41.23 -3.90
N ASN C 194 -32.83 41.45 -4.81
CA ASN C 194 -32.58 41.21 -6.24
C ASN C 194 -32.31 42.47 -7.05
N ASN C 195 -32.54 43.62 -6.44
CA ASN C 195 -32.35 44.88 -7.17
C ASN C 195 -31.14 45.76 -6.89
N TYR C 196 -30.03 45.15 -6.48
CA TYR C 196 -28.80 45.91 -6.26
C TYR C 196 -27.94 45.60 -7.46
N TRP C 197 -27.95 46.51 -8.45
CA TRP C 197 -27.15 46.31 -9.67
C TRP C 197 -25.86 47.11 -9.60
N GLY C 198 -24.76 46.47 -9.98
CA GLY C 198 -23.49 47.16 -9.91
C GLY C 198 -22.96 47.04 -8.49
N TRP C 199 -21.70 47.42 -8.30
CA TRP C 199 -21.01 47.35 -7.01
C TRP C 199 -21.59 48.11 -5.82
N GLY C 200 -21.47 47.50 -4.64
CA GLY C 200 -21.90 48.15 -3.41
C GLY C 200 -23.27 48.04 -2.76
N GLY C 201 -23.25 48.05 -1.44
CA GLY C 201 -24.47 48.01 -0.64
C GLY C 201 -25.31 46.77 -0.46
N GLU C 202 -25.21 45.79 -1.34
CA GLU C 202 -26.07 44.61 -1.17
C GLU C 202 -25.72 43.82 0.10
N ASP C 203 -24.44 43.83 0.48
CA ASP C 203 -24.01 43.11 1.67
C ASP C 203 -24.52 43.81 2.93
N ASP C 204 -24.62 45.14 2.87
CA ASP C 204 -25.14 45.90 4.00
C ASP C 204 -26.64 45.64 4.15
N ASP C 205 -27.33 45.53 3.01
CA ASP C 205 -28.76 45.25 3.01
C ASP C 205 -28.97 43.91 3.73
N ILE C 206 -28.15 42.93 3.37
CA ILE C 206 -28.24 41.61 3.99
C ILE C 206 -28.03 41.73 5.50
N PHE C 207 -27.02 42.49 5.90
CA PHE C 207 -26.78 42.70 7.33
C PHE C 207 -28.08 43.25 7.94
N ASN C 208 -28.66 44.27 7.30
CA ASN C 208 -29.90 44.87 7.81
C ASN C 208 -31.02 43.84 7.95
N ARG C 209 -31.13 42.94 6.98
CA ARG C 209 -32.17 41.93 7.03
C ARG C 209 -32.00 41.04 8.26
N LEU C 210 -30.78 40.56 8.45
CA LEU C 210 -30.49 39.69 9.59
C LEU C 210 -30.85 40.38 10.90
N VAL C 211 -30.41 41.63 11.06
CA VAL C 211 -30.69 42.38 12.28
C VAL C 211 -32.19 42.62 12.43
N PHE C 212 -32.85 42.97 11.33
CA PHE C 212 -34.29 43.22 11.37
C PHE C 212 -35.03 41.94 11.70
N ARG C 213 -34.38 40.79 11.56
CA ARG C 213 -35.05 39.54 11.90
C ARG C 213 -34.58 38.96 13.22
N GLY C 214 -33.97 39.80 14.04
CA GLY C 214 -33.53 39.37 15.35
C GLY C 214 -32.24 38.60 15.49
N MET C 215 -31.41 38.52 14.45
CA MET C 215 -30.15 37.78 14.55
C MET C 215 -28.96 38.73 14.75
N SER C 216 -27.80 38.15 15.07
CA SER C 216 -26.58 38.93 15.27
C SER C 216 -25.48 38.18 14.50
N ILE C 217 -24.39 38.86 14.21
CA ILE C 217 -23.30 38.25 13.45
C ILE C 217 -22.28 37.51 14.30
N SER C 218 -22.04 36.24 13.96
CA SER C 218 -21.05 35.41 14.66
C SER C 218 -19.76 35.49 13.85
N ARG C 219 -18.62 35.53 14.54
CA ARG C 219 -17.33 35.64 13.86
C ARG C 219 -16.20 34.92 14.56
N PRO C 220 -15.24 34.38 13.82
CA PRO C 220 -14.09 33.70 14.45
C PRO C 220 -13.21 34.87 14.91
N ASN C 221 -12.13 34.63 15.67
CA ASN C 221 -11.30 35.77 16.04
C ASN C 221 -10.51 36.24 14.83
N ALA C 222 -9.96 37.44 14.92
CA ALA C 222 -9.19 38.05 13.85
C ALA C 222 -8.06 37.22 13.28
N VAL C 223 -7.31 36.53 14.14
CA VAL C 223 -6.20 35.74 13.66
C VAL C 223 -6.69 34.55 12.85
N VAL C 224 -7.64 33.81 13.40
CA VAL C 224 -8.17 32.66 12.68
C VAL C 224 -8.87 33.11 11.40
N GLY C 225 -9.49 34.29 11.44
CA GLY C 225 -10.20 34.79 10.28
C GLY C 225 -9.39 35.56 9.26
N THR C 226 -8.07 35.49 9.36
CA THR C 226 -7.19 36.18 8.42
C THR C 226 -7.46 35.64 7.03
N THR C 227 -7.67 36.55 6.10
CA THR C 227 -8.01 36.19 4.72
C THR C 227 -7.25 37.00 3.66
N ARG C 228 -6.81 36.34 2.61
CA ARG C 228 -6.09 37.00 1.52
C ARG C 228 -7.00 37.29 0.31
N HIS C 229 -6.94 38.51 -0.20
CA HIS C 229 -7.73 38.93 -1.35
C HIS C 229 -6.81 39.08 -2.55
N ILE C 230 -7.11 38.36 -3.64
CA ILE C 230 -6.29 38.45 -4.83
C ILE C 230 -6.44 39.85 -5.43
N ARG C 231 -5.40 40.67 -5.32
CA ARG C 231 -5.47 42.03 -5.85
C ARG C 231 -5.82 42.04 -7.35
N HIS C 232 -6.73 42.94 -7.73
CA HIS C 232 -7.19 43.03 -9.13
C HIS C 232 -7.77 44.40 -9.49
N SER C 233 -7.85 44.70 -10.78
CA SER C 233 -8.42 45.97 -11.22
C SER C 233 -9.94 45.86 -11.32
N ARG C 234 -10.60 47.00 -11.51
CA ARG C 234 -12.06 47.00 -11.62
C ARG C 234 -12.52 46.21 -12.83
N ASP C 235 -13.61 45.48 -12.69
CA ASP C 235 -14.16 44.74 -13.82
C ASP C 235 -15.06 45.80 -14.46
N LYS C 236 -15.24 45.72 -15.77
CA LYS C 236 -16.13 46.68 -16.40
C LYS C 236 -17.52 46.10 -16.15
N LYS C 237 -18.55 46.94 -16.23
CA LYS C 237 -19.92 46.50 -16.03
C LYS C 237 -20.35 46.19 -14.60
N ASN C 238 -19.65 46.78 -13.63
CA ASN C 238 -20.01 46.60 -12.23
C ASN C 238 -19.70 47.90 -11.49
N GLU C 239 -20.16 49.00 -12.07
CA GLU C 239 -19.96 50.34 -11.50
C GLU C 239 -20.73 50.55 -10.20
N PRO C 240 -20.16 51.34 -9.28
CA PRO C 240 -20.80 51.64 -8.00
C PRO C 240 -22.23 52.12 -8.24
N ASN C 241 -23.18 51.44 -7.63
CA ASN C 241 -24.59 51.77 -7.75
C ASN C 241 -24.87 53.05 -6.95
N PRO C 242 -25.14 54.16 -7.66
CA PRO C 242 -25.42 55.47 -7.03
C PRO C 242 -26.62 55.44 -6.09
N GLN C 243 -27.53 54.52 -6.30
CA GLN C 243 -28.70 54.46 -5.43
C GLN C 243 -28.56 53.47 -4.29
N ARG C 244 -27.38 52.88 -4.13
CA ARG C 244 -27.16 51.90 -3.07
C ARG C 244 -27.43 52.45 -1.66
N PHE C 245 -27.12 53.72 -1.44
CA PHE C 245 -27.34 54.31 -0.13
C PHE C 245 -28.82 54.45 0.18
N ASP C 246 -29.62 54.91 -0.78
CA ASP C 246 -31.05 55.05 -0.53
C ASP C 246 -31.65 53.66 -0.29
N ARG C 247 -31.15 52.68 -1.05
CA ARG C 247 -31.64 51.31 -0.93
C ARG C 247 -31.44 50.66 0.45
N ILE C 248 -30.23 50.71 0.99
CA ILE C 248 -30.00 50.10 2.29
C ILE C 248 -30.78 50.81 3.41
N ALA C 249 -31.18 52.05 3.13
CA ALA C 249 -31.93 52.81 4.13
C ALA C 249 -33.38 52.33 4.25
N HIS C 250 -33.82 51.53 3.29
CA HIS C 250 -35.20 51.03 3.30
C HIS C 250 -35.36 49.52 3.35
N THR C 251 -34.30 48.82 3.74
CA THR C 251 -34.32 47.37 3.81
C THR C 251 -35.51 46.76 4.56
N LYS C 252 -35.81 47.27 5.75
CA LYS C 252 -36.92 46.71 6.53
C LYS C 252 -38.23 46.63 5.75
N GLU C 253 -38.46 47.58 4.85
CA GLU C 253 -39.69 47.58 4.06
C GLU C 253 -39.56 46.69 2.83
N THR C 254 -38.51 46.91 2.06
CA THR C 254 -38.29 46.17 0.83
C THR C 254 -37.99 44.66 0.96
N MET C 255 -37.44 44.23 2.09
CA MET C 255 -37.11 42.82 2.24
C MET C 255 -38.35 41.92 2.22
N LEU C 256 -39.47 42.45 2.69
CA LEU C 256 -40.71 41.69 2.73
C LEU C 256 -41.19 41.29 1.34
N SER C 257 -40.94 42.14 0.35
CA SER C 257 -41.41 41.88 -1.00
C SER C 257 -40.34 41.67 -2.06
N ASP C 258 -39.07 41.84 -1.70
CA ASP C 258 -38.01 41.65 -2.66
C ASP C 258 -36.94 40.67 -2.17
N GLY C 259 -36.81 39.56 -2.87
CA GLY C 259 -35.85 38.55 -2.47
C GLY C 259 -36.23 37.21 -3.07
N LEU C 260 -36.14 36.16 -2.28
CA LEU C 260 -36.44 34.81 -2.75
C LEU C 260 -37.86 34.70 -3.31
N ASN C 261 -38.80 35.41 -2.69
CA ASN C 261 -40.19 35.38 -3.12
C ASN C 261 -40.49 36.23 -4.35
N SER C 262 -39.48 36.86 -4.93
CA SER C 262 -39.69 37.69 -6.11
C SER C 262 -38.62 37.33 -7.14
N LEU C 263 -37.82 36.34 -6.79
CA LEU C 263 -36.72 35.90 -7.65
C LEU C 263 -37.09 35.24 -8.99
N THR C 264 -36.56 35.79 -10.07
CA THR C 264 -36.77 35.27 -11.42
C THR C 264 -35.45 35.20 -12.14
N TYR C 265 -35.27 34.18 -12.98
CA TYR C 265 -34.03 33.99 -13.73
C TYR C 265 -34.16 32.76 -14.63
N GLN C 266 -33.21 32.55 -15.52
CA GLN C 266 -33.25 31.37 -16.37
C GLN C 266 -31.89 30.69 -16.53
N VAL C 267 -31.78 29.45 -16.08
CA VAL C 267 -30.54 28.69 -16.20
C VAL C 267 -30.36 28.34 -17.67
N LEU C 268 -29.19 28.63 -18.22
CA LEU C 268 -28.92 28.33 -19.62
C LEU C 268 -28.15 27.01 -19.77
N ASP C 269 -27.18 26.78 -18.88
CA ASP C 269 -26.42 25.54 -18.90
C ASP C 269 -25.74 25.27 -17.55
N VAL C 270 -25.57 24.00 -17.25
CA VAL C 270 -24.94 23.56 -16.03
C VAL C 270 -23.78 22.66 -16.45
N GLN C 271 -22.56 23.07 -16.09
CA GLN C 271 -21.36 22.31 -16.43
C GLN C 271 -20.92 21.55 -15.18
N ARG C 272 -20.74 20.24 -15.29
CA ARG C 272 -20.28 19.47 -14.13
C ARG C 272 -18.78 19.24 -14.31
N TYR C 273 -17.96 20.22 -13.96
CA TYR C 273 -16.50 20.06 -14.10
C TYR C 273 -15.95 19.18 -12.95
N PRO C 274 -14.70 18.72 -13.07
CA PRO C 274 -14.14 17.90 -11.99
C PRO C 274 -14.18 18.54 -10.60
N LEU C 275 -13.81 19.82 -10.53
CA LEU C 275 -13.74 20.53 -9.25
C LEU C 275 -14.86 21.48 -8.88
N TYR C 276 -15.87 21.62 -9.73
CA TYR C 276 -16.97 22.51 -9.42
C TYR C 276 -18.08 22.40 -10.44
N THR C 277 -19.27 22.85 -10.03
CA THR C 277 -20.43 22.88 -10.92
C THR C 277 -20.65 24.35 -11.27
N GLN C 278 -20.67 24.66 -12.55
CA GLN C 278 -20.90 26.03 -12.98
C GLN C 278 -22.31 26.15 -13.58
N ILE C 279 -23.08 27.05 -13.01
CA ILE C 279 -24.45 27.31 -13.47
C ILE C 279 -24.46 28.68 -14.16
N THR C 280 -24.54 28.67 -15.49
CA THR C 280 -24.60 29.91 -16.27
C THR C 280 -26.08 30.29 -16.32
N VAL C 281 -26.39 31.49 -15.85
CA VAL C 281 -27.78 31.92 -15.77
C VAL C 281 -28.05 33.33 -16.25
N ASP C 282 -29.27 33.54 -16.74
CA ASP C 282 -29.70 34.85 -17.23
C ASP C 282 -30.51 35.43 -16.09
N ILE C 283 -29.99 36.47 -15.45
CA ILE C 283 -30.67 37.10 -14.33
C ILE C 283 -31.32 38.41 -14.74
N GLY C 284 -31.24 38.71 -16.03
CA GLY C 284 -31.87 39.92 -16.55
C GLY C 284 -31.11 41.22 -16.44
N THR C 285 -31.86 42.32 -16.57
CA THR C 285 -31.31 43.66 -16.51
C THR C 285 -32.16 44.52 -15.58
N PRO C 286 -31.61 45.64 -15.14
CA PRO C 286 -32.36 46.52 -14.25
C PRO C 286 -33.56 47.15 -14.96
N SER C 287 -34.61 47.42 -14.20
CA SER C 287 -35.80 48.03 -14.79
C SER C 287 -35.47 49.42 -15.33
#